data_9K3P
#
_entry.id   9K3P
#
_cell.length_a   1.00
_cell.length_b   1.00
_cell.length_c   1.00
_cell.angle_alpha   90.00
_cell.angle_beta   90.00
_cell.angle_gamma   90.00
#
_symmetry.space_group_name_H-M   'P 1'
#
loop_
_entity.id
_entity.type
_entity.pdbx_description
1 polymer 'Melanocyte-stimulating hormone receptor,Melanocyte-stimulating hormone receptor,Melanocyte-stimulating hormone receptor,Melanocyte-stimulating hormone receptor,LgBiT subunit'
2 polymer 'Guanine nucleotide-binding protein G(i) subunit alpha-1,Guanine nucleotide-binding protein G(s) subunit alpha isoforms short'
3 polymer 'Guanine nucleotide-binding protein G(I)/G(S)/G(T) subunit beta-1,Guanine nucleotide-binding protein G(I)/G(S)/G(T) subunit beta-1,Guanine nucleotide-binding protein G(I)/G(S)/G(T) subunit beta-1,Guanine nucleotide-binding protein G(I)/G(S)/G(T) subunit beta-1,HiBiT'
4 polymer 'Guanine nucleotide-binding protein G(I)/G(S)/G(O) subunit gamma-2'
5 polymer Nb35
6 polymer scFv16
#
loop_
_entity_poly.entity_id
_entity_poly.type
_entity_poly.pdbx_seq_one_letter_code
_entity_poly.pdbx_strand_id
1 'polypeptide(L)'
;MAVQGSQRRLLGSLNSTPTAIPQLGLAANQTGARCLEVSISDGLFLSLGLVSLVENALVVATIAKNRNLHSPMYCFICCL
ALSDLLVSGSNVLETAVILLLEAGALVARAAVLQQLDNVIDVITCSSMLSSLCFLGAIAVDRYISIFYALRYHSIVTLPR
ARRAVAAIWVASVVFSTLFIAYYDHVAVLLCLVVFFLAMLVLMAVLYVHMLARACQHAQGIARLHKRQRPVHQGFGLKGA
VTLTILLGIFFLCWGPFFLHLTLIVLCPEHPTCGCIFKNFNLFLALIICNAIIDPLIYAFHSQELRRTLKEVLTCSWGSS
GGGGSGGGGSSGVFTLEDFVGDWEQTAAYNLDQVLEQGGVSSLLQNLAVSVTPIQRIVRSGENALKIDIHVIIPYEGLSA
DQMAQIEEVFKVVYPVDDHHFKVILPYGTLVIDGVTPNMLNYFGRPYEGIAVFDGKKITVTGTLWNGNKIIDERLITPDG
SMLFRVTINS
;
R
2 'polypeptide(L)'
;MGCTLSAEDKAAVERSKMIEKQLQKDKQVYRATHRLLLLGADNSGKSTIVKQMRIYHVNGYSEEECKQYKAVVYSNTIQS
IIAIIRAMGRLKIDFGDSARADDARQLFVLAGAAEEGFMTAELAGVIKRLWKDSGVQACFNRSREYQLNDSAAYYLNDLD
RIAQPNYIPTQQDVLRTRVKTSGIFETKFQVDKVNFHMFDVGAQRDERRKWIQCFNDVTAIIFVVDSSDYNRLQEALNDF
KSIWNNRWLRTISVILFLNKQDLLAEKVLAGKSKIEDYFPEFARYTTPEDATPEPGEDPRVTRAKYFIRDEFLRISTASG
DGRHYCYPHFTCSVDTENARRIFNDCRDIIQRMHLRQYELL
;
A
3 'polypeptide(L)'
;MGSLLQSELDQLRQEAEQLKNQIRDARKACADATLSQITNNIDPVGRIQMRTRRTLRGHLAKIYAMHWGTDSRLLVSASQ
DGKLIIWDSYTTNKVHAIPLRSSWVMTCAYAPSGNYVACGGLDNICSIYNLKTREGNVRVSRELAGHTGYLSCCRFLDDN
QIVTSSGDTTCALWDIETGQQTTTFTGHTGDVMSLSLAPDTRLFVSGACDASAKLWDVREGMCRQTFTGHESDINAICFF
PNGNAFATGSDDATCRLFDLRADQELMTYSHDNIICGITSVSFSKSGRLLLAGYDDFNCNVWDALKADRAGVLAGHDNRV
SCLGVTDDGMAVATGSWDSFLKIWNGSSGGGGSGGGGSSGVSGWRLFKKIS
;
B
4 'polypeptide(L)' MASNNTASIAQARKLVEQLKMEANIDRIKVSKAAADLMAYCEAHAKEDPLLTPVPASENPFREKKFFCAIL G
5 'polypeptide(L)'
;MKYLLPTAAAGLLLLAAQPAMAQVQLQESGGGLVQPGGSLRLSCAASGFTFSNYKMNWVRQAPGKGLEWVSDISQSGASI
SYTGSVKGRFTISRDNAKNTLYLQMNSLKPEDTAVYYCARCPAPFTRDCFDVTSTTYAYRGQGTQVTVSSHHHHHHEPEA
;
N
6 'polypeptide(L)'
;MLLVNQSHQGFNKEHTSKMVSAIVLYVLLAAAAHSAFAVQLVESGGGLVQPGGSRKLSCSASGFAFSSFGMHWVRQAPEK
GLEWVAYISSGSGTIYYADTVKGRFTISRDDPKNTLFLQMTSLRSEDTAMYYCVRSIYYYGSSPFDFWGQGTTLTVSAGG
GGSGGGGSGGGGSADIVMTQATSSVPVTPGESVSISCRSSKSLLHSNGNTYLYWFLQRPGQSPQLLIYRMSNLASGVPDR
FSGSGSGTAFTLTISRLEAEDVGVYYCMQHLEYPLTFGAGTKLEL
;
S
#
# COMPACT_ATOMS: atom_id res chain seq x y z
N SER A 41 -27.81 -38.76 19.48
CA SER A 41 -27.75 -39.60 20.67
C SER A 41 -26.45 -40.40 20.72
N ASP A 42 -26.33 -41.37 19.83
CA ASP A 42 -25.15 -42.21 19.76
C ASP A 42 -24.39 -42.09 18.44
N GLY A 43 -25.08 -42.14 17.30
CA GLY A 43 -24.42 -41.98 16.02
C GLY A 43 -24.61 -40.61 15.42
N LEU A 44 -25.84 -40.10 15.48
CA LEU A 44 -26.10 -38.74 15.01
C LEU A 44 -25.37 -37.72 15.87
N PHE A 45 -25.20 -38.03 17.15
CA PHE A 45 -24.44 -37.16 18.04
C PHE A 45 -23.00 -37.01 17.56
N LEU A 46 -22.35 -38.14 17.28
CA LEU A 46 -20.98 -38.11 16.76
C LEU A 46 -20.92 -37.44 15.40
N SER A 47 -21.93 -37.69 14.56
CA SER A 47 -21.96 -37.09 13.23
C SER A 47 -22.03 -35.58 13.30
N LEU A 48 -22.91 -35.07 14.16
CA LEU A 48 -23.00 -33.62 14.37
C LEU A 48 -21.70 -33.07 14.92
N GLY A 49 -21.09 -33.77 15.87
CA GLY A 49 -19.81 -33.33 16.39
C GLY A 49 -18.76 -33.20 15.30
N LEU A 50 -18.66 -34.21 14.44
CA LEU A 50 -17.60 -34.21 13.43
C LEU A 50 -17.86 -33.17 12.33
N VAL A 51 -19.12 -33.03 11.90
CA VAL A 51 -19.42 -32.01 10.89
C VAL A 51 -19.19 -30.62 11.46
N SER A 52 -19.47 -30.43 12.75
CA SER A 52 -19.17 -29.15 13.39
C SER A 52 -17.67 -28.89 13.44
N LEU A 53 -16.91 -29.91 13.82
CA LEU A 53 -15.46 -29.78 13.88
C LEU A 53 -14.89 -29.44 12.51
N VAL A 54 -15.47 -29.99 11.45
CA VAL A 54 -14.97 -29.72 10.10
C VAL A 54 -15.10 -28.24 9.77
N GLU A 55 -16.28 -27.65 10.00
CA GLU A 55 -16.46 -26.24 9.70
C GLU A 55 -15.60 -25.36 10.61
N ASN A 56 -15.46 -25.74 11.88
CA ASN A 56 -14.62 -24.96 12.78
C ASN A 56 -13.16 -24.96 12.31
N ALA A 57 -12.65 -26.13 11.93
CA ALA A 57 -11.27 -26.21 11.44
C ALA A 57 -11.12 -25.45 10.13
N LEU A 58 -12.13 -25.51 9.26
CA LEU A 58 -12.08 -24.75 8.01
C LEU A 58 -11.98 -23.26 8.28
N VAL A 59 -12.79 -22.76 9.22
CA VAL A 59 -12.75 -21.33 9.55
C VAL A 59 -11.39 -20.96 10.11
N VAL A 60 -10.86 -21.78 11.03
CA VAL A 60 -9.57 -21.47 11.63
C VAL A 60 -8.47 -21.44 10.57
N ALA A 61 -8.46 -22.43 9.68
CA ALA A 61 -7.44 -22.49 8.64
C ALA A 61 -7.57 -21.31 7.68
N THR A 62 -8.80 -20.96 7.30
CA THR A 62 -8.99 -19.84 6.39
C THR A 62 -8.51 -18.53 7.00
N ILE A 63 -8.81 -18.30 8.27
CA ILE A 63 -8.36 -17.08 8.92
C ILE A 63 -6.84 -17.07 9.06
N ALA A 64 -6.25 -18.21 9.43
CA ALA A 64 -4.80 -18.28 9.56
C ALA A 64 -4.09 -18.09 8.23
N LYS A 65 -4.75 -18.47 7.13
CA LYS A 65 -4.12 -18.33 5.81
C LYS A 65 -4.28 -16.91 5.28
N ASN A 66 -5.51 -16.39 5.26
CA ASN A 66 -5.78 -15.04 4.78
C ASN A 66 -5.50 -14.04 5.90
N ARG A 67 -4.20 -13.82 6.16
CA ARG A 67 -3.76 -13.02 7.29
C ARG A 67 -4.03 -11.53 7.11
N ASN A 68 -4.57 -11.11 5.97
CA ASN A 68 -4.99 -9.72 5.84
C ASN A 68 -6.13 -9.37 6.78
N LEU A 69 -6.78 -10.36 7.37
CA LEU A 69 -7.88 -10.17 8.31
C LEU A 69 -7.41 -10.24 9.76
N HIS A 70 -6.13 -9.94 10.01
CA HIS A 70 -5.59 -10.01 11.36
C HIS A 70 -6.10 -8.86 12.21
N SER A 71 -7.39 -8.89 12.54
CA SER A 71 -8.08 -7.88 13.30
C SER A 71 -8.72 -8.50 14.53
N PRO A 72 -8.99 -7.72 15.58
CA PRO A 72 -9.58 -8.31 16.78
C PRO A 72 -10.90 -9.01 16.51
N MET A 73 -11.69 -8.50 15.58
CA MET A 73 -12.94 -9.16 15.23
C MET A 73 -12.68 -10.59 14.77
N TYR A 74 -11.75 -10.76 13.85
CA TYR A 74 -11.53 -12.08 13.27
C TYR A 74 -10.76 -12.98 14.22
N CYS A 75 -9.93 -12.40 15.10
CA CYS A 75 -9.32 -13.19 16.17
C CYS A 75 -10.39 -13.77 17.09
N PHE A 76 -11.36 -12.94 17.49
CA PHE A 76 -12.44 -13.43 18.34
C PHE A 76 -13.29 -14.47 17.61
N ILE A 77 -13.53 -14.26 16.32
CA ILE A 77 -14.33 -15.21 15.55
C ILE A 77 -13.62 -16.56 15.45
N CYS A 78 -12.33 -16.55 15.10
CA CYS A 78 -11.57 -17.80 15.03
C CYS A 78 -11.45 -18.48 16.38
N CYS A 79 -11.34 -17.70 17.45
CA CYS A 79 -11.21 -18.30 18.76
C CYS A 79 -12.52 -18.95 19.20
N LEU A 80 -13.65 -18.30 18.90
CA LEU A 80 -14.94 -18.98 19.03
C LEU A 80 -14.99 -20.24 18.18
N ALA A 81 -14.43 -20.21 16.97
CA ALA A 81 -14.49 -21.38 16.11
C ALA A 81 -13.74 -22.55 16.74
N LEU A 82 -12.59 -22.29 17.34
CA LEU A 82 -11.83 -23.38 17.94
C LEU A 82 -12.36 -23.78 19.32
N SER A 83 -13.03 -22.87 20.04
CA SER A 83 -13.77 -23.31 21.23
C SER A 83 -14.94 -24.21 20.85
N ASP A 84 -15.61 -23.90 19.74
CA ASP A 84 -16.64 -24.79 19.22
C ASP A 84 -16.03 -26.12 18.79
N LEU A 85 -14.83 -26.08 18.21
CA LEU A 85 -14.08 -27.29 17.94
C LEU A 85 -13.87 -28.11 19.21
N LEU A 86 -13.54 -27.44 20.31
CA LEU A 86 -13.41 -28.13 21.59
C LEU A 86 -14.72 -28.74 22.06
N VAL A 87 -15.84 -28.01 21.89
CA VAL A 87 -17.15 -28.57 22.22
C VAL A 87 -17.38 -29.85 21.44
N SER A 88 -17.14 -29.78 20.13
CA SER A 88 -17.31 -30.95 19.27
C SER A 88 -16.44 -32.11 19.73
N GLY A 89 -15.14 -31.84 19.94
CA GLY A 89 -14.23 -32.91 20.29
C GLY A 89 -14.56 -33.55 21.62
N SER A 90 -14.84 -32.75 22.64
CA SER A 90 -15.15 -33.30 23.95
C SER A 90 -16.45 -34.10 23.92
N ASN A 91 -17.49 -33.54 23.31
CA ASN A 91 -18.76 -34.26 23.25
C ASN A 91 -18.63 -35.56 22.48
N VAL A 92 -17.96 -35.54 21.33
CA VAL A 92 -17.79 -36.75 20.54
C VAL A 92 -16.93 -37.77 21.28
N LEU A 93 -15.88 -37.30 21.98
CA LEU A 93 -14.98 -38.21 22.66
C LEU A 93 -15.66 -38.90 23.84
N GLU A 94 -16.57 -38.20 24.52
CA GLU A 94 -17.42 -38.85 25.52
C GLU A 94 -17.98 -40.16 25.00
N THR A 95 -18.79 -40.08 23.94
CA THR A 95 -19.47 -41.26 23.42
C THR A 95 -18.48 -42.22 22.75
N ALA A 96 -17.41 -41.70 22.15
CA ALA A 96 -16.42 -42.58 21.53
C ALA A 96 -15.76 -43.47 22.55
N VAL A 97 -15.32 -42.91 23.68
CA VAL A 97 -14.72 -43.72 24.72
C VAL A 97 -15.75 -44.62 25.37
N ILE A 98 -16.99 -44.14 25.52
CA ILE A 98 -18.05 -44.98 26.07
C ILE A 98 -18.25 -46.22 25.21
N LEU A 99 -18.25 -46.06 23.90
CA LEU A 99 -18.43 -47.20 22.99
C LEU A 99 -17.20 -48.09 22.98
N LEU A 100 -16.00 -47.49 23.01
CA LEU A 100 -14.77 -48.28 22.98
C LEU A 100 -14.55 -49.05 24.29
N LEU A 101 -15.18 -48.63 25.37
CA LEU A 101 -15.07 -49.35 26.64
C LEU A 101 -15.66 -50.75 26.58
N GLU A 102 -16.50 -51.04 25.58
CA GLU A 102 -17.01 -52.40 25.43
C GLU A 102 -15.87 -53.37 25.15
N ALA A 103 -14.94 -52.99 24.28
CA ALA A 103 -13.72 -53.76 24.06
C ALA A 103 -12.66 -53.27 25.04
N GLY A 104 -12.95 -53.48 26.33
CA GLY A 104 -12.13 -52.96 27.40
C GLY A 104 -10.82 -53.69 27.60
N ALA A 105 -9.88 -53.52 26.67
CA ALA A 105 -8.56 -54.11 26.83
C ALA A 105 -7.88 -53.58 28.09
N LEU A 106 -8.01 -52.27 28.35
CA LEU A 106 -7.57 -51.72 29.62
C LEU A 106 -8.49 -52.20 30.74
N VAL A 107 -7.91 -52.40 31.92
CA VAL A 107 -8.67 -52.93 33.04
C VAL A 107 -9.77 -51.95 33.43
N ALA A 108 -10.78 -52.47 34.15
CA ALA A 108 -11.87 -51.62 34.60
C ALA A 108 -11.37 -50.49 35.49
N ARG A 109 -10.63 -50.84 36.55
CA ARG A 109 -9.86 -49.89 37.35
C ARG A 109 -10.75 -48.74 37.82
N ALA A 110 -11.66 -49.07 38.74
CA ALA A 110 -12.68 -48.14 39.23
C ALA A 110 -12.15 -46.72 39.47
N ALA A 111 -10.90 -46.61 39.93
CA ALA A 111 -10.26 -45.31 40.03
C ALA A 111 -10.14 -44.66 38.65
N VAL A 112 -9.69 -45.43 37.65
CA VAL A 112 -9.61 -44.89 36.31
C VAL A 112 -11.00 -44.61 35.75
N LEU A 113 -12.01 -45.41 36.15
CA LEU A 113 -13.37 -45.18 35.70
C LEU A 113 -13.90 -43.85 36.21
N GLN A 114 -13.65 -43.54 37.48
CA GLN A 114 -14.07 -42.25 38.03
C GLN A 114 -13.15 -41.11 37.62
N GLN A 115 -11.96 -41.40 37.10
CA GLN A 115 -11.06 -40.36 36.61
C GLN A 115 -11.39 -39.95 35.18
N LEU A 116 -11.53 -40.93 34.28
CA LEU A 116 -11.77 -40.63 32.87
C LEU A 116 -13.10 -39.95 32.64
N ASP A 117 -14.15 -40.41 33.33
CA ASP A 117 -15.46 -39.78 33.19
C ASP A 117 -15.43 -38.34 33.68
N ASN A 118 -14.76 -38.10 34.81
CA ASN A 118 -14.61 -36.73 35.31
C ASN A 118 -13.82 -35.88 34.32
N VAL A 119 -12.78 -36.44 33.72
CA VAL A 119 -11.95 -35.70 32.78
C VAL A 119 -12.75 -35.30 31.54
N ILE A 120 -13.51 -36.25 30.98
CA ILE A 120 -14.30 -35.93 29.79
C ILE A 120 -15.43 -34.98 30.15
N ASP A 121 -15.91 -35.01 31.39
CA ASP A 121 -16.83 -33.98 31.86
C ASP A 121 -16.15 -32.62 31.93
N VAL A 122 -14.91 -32.58 32.43
CA VAL A 122 -14.18 -31.32 32.54
C VAL A 122 -14.05 -30.66 31.17
N ILE A 123 -13.77 -31.45 30.14
CA ILE A 123 -13.61 -30.91 28.80
C ILE A 123 -14.93 -30.38 28.25
N THR A 124 -16.03 -31.12 28.41
CA THR A 124 -17.32 -30.66 27.88
C THR A 124 -17.94 -29.57 28.73
N CYS A 125 -17.34 -29.24 29.88
CA CYS A 125 -17.72 -28.04 30.61
C CYS A 125 -16.84 -26.85 30.22
N SER A 126 -15.55 -27.10 30.01
CA SER A 126 -14.64 -26.03 29.58
C SER A 126 -15.06 -25.51 28.22
N SER A 127 -15.43 -26.42 27.32
CA SER A 127 -15.86 -26.02 25.99
C SER A 127 -17.15 -25.20 26.06
N MET A 128 -18.09 -25.61 26.89
CA MET A 128 -19.30 -24.83 27.12
C MET A 128 -18.98 -23.41 27.55
N LEU A 129 -18.16 -23.28 28.60
CA LEU A 129 -17.94 -21.97 29.18
C LEU A 129 -16.98 -21.13 28.36
N SER A 130 -16.31 -21.72 27.37
CA SER A 130 -15.57 -20.92 26.41
C SER A 130 -16.46 -20.43 25.29
N SER A 131 -17.30 -21.31 24.74
CA SER A 131 -18.22 -20.92 23.67
C SER A 131 -19.17 -19.82 24.12
N LEU A 132 -19.70 -19.95 25.34
CA LEU A 132 -20.58 -18.93 25.91
C LEU A 132 -19.92 -17.56 25.90
N CYS A 133 -18.79 -17.44 26.59
CA CYS A 133 -18.12 -16.16 26.70
C CYS A 133 -17.63 -15.66 25.35
N PHE A 134 -17.43 -16.56 24.38
CA PHE A 134 -16.97 -16.10 23.07
C PHE A 134 -18.11 -15.51 22.25
N LEU A 135 -19.31 -16.08 22.37
CA LEU A 135 -20.47 -15.40 21.78
C LEU A 135 -20.67 -14.04 22.43
N GLY A 136 -20.52 -13.98 23.76
CA GLY A 136 -20.59 -12.69 24.42
C GLY A 136 -19.55 -11.71 23.92
N ALA A 137 -18.32 -12.18 23.72
CA ALA A 137 -17.24 -11.32 23.25
C ALA A 137 -17.47 -10.82 21.83
N ILE A 138 -17.99 -11.68 20.96
CA ILE A 138 -18.34 -11.22 19.61
C ILE A 138 -19.41 -10.14 19.67
N ALA A 139 -20.42 -10.33 20.53
CA ALA A 139 -21.46 -9.32 20.66
C ALA A 139 -20.88 -8.00 21.14
N VAL A 140 -19.99 -8.04 22.13
CA VAL A 140 -19.42 -6.80 22.65
C VAL A 140 -18.52 -6.14 21.62
N ASP A 141 -17.82 -6.93 20.80
CA ASP A 141 -17.05 -6.36 19.70
C ASP A 141 -17.96 -5.63 18.72
N ARG A 142 -19.06 -6.28 18.32
CA ARG A 142 -20.04 -5.64 17.45
C ARG A 142 -20.45 -4.30 18.03
N TYR A 143 -20.80 -4.30 19.32
CA TYR A 143 -21.38 -3.14 19.96
C TYR A 143 -20.37 -2.00 20.09
N ILE A 144 -19.13 -2.32 20.45
CA ILE A 144 -18.12 -1.27 20.57
C ILE A 144 -17.82 -0.68 19.21
N SER A 145 -17.77 -1.51 18.16
CA SER A 145 -17.56 -0.97 16.83
C SER A 145 -18.69 -0.03 16.42
N ILE A 146 -19.94 -0.39 16.73
CA ILE A 146 -21.06 0.44 16.30
C ILE A 146 -21.11 1.74 17.08
N PHE A 147 -21.04 1.66 18.42
CA PHE A 147 -21.23 2.85 19.23
C PHE A 147 -19.97 3.67 19.46
N TYR A 148 -18.82 3.21 18.99
CA TYR A 148 -17.57 3.94 19.11
C TYR A 148 -16.82 3.90 17.78
N ALA A 149 -17.53 4.25 16.71
CA ALA A 149 -17.05 3.99 15.36
C ALA A 149 -15.73 4.68 15.07
N LEU A 150 -15.53 5.87 15.64
CA LEU A 150 -14.31 6.63 15.42
C LEU A 150 -13.22 6.34 16.45
N ARG A 151 -13.46 5.38 17.35
CA ARG A 151 -12.48 5.08 18.39
C ARG A 151 -12.27 3.59 18.58
N TYR A 152 -12.78 2.75 17.68
CA TYR A 152 -12.63 1.31 17.86
C TYR A 152 -11.17 0.89 17.78
N HIS A 153 -10.41 1.49 16.88
CA HIS A 153 -9.00 1.16 16.73
C HIS A 153 -8.13 1.78 17.80
N SER A 154 -8.67 2.71 18.59
CA SER A 154 -8.00 3.24 19.77
C SER A 154 -8.52 2.64 21.06
N ILE A 155 -9.49 1.72 20.98
CA ILE A 155 -9.94 0.96 22.13
C ILE A 155 -9.48 -0.49 22.07
N VAL A 156 -9.81 -1.20 20.99
CA VAL A 156 -9.60 -2.63 20.89
C VAL A 156 -8.58 -2.91 19.81
N THR A 157 -7.52 -3.64 20.18
CA THR A 157 -6.43 -3.99 19.27
C THR A 157 -5.98 -5.40 19.56
N LEU A 158 -5.07 -5.90 18.71
CA LEU A 158 -4.61 -7.28 18.86
C LEU A 158 -4.01 -7.58 20.23
N PRO A 159 -3.22 -6.70 20.86
CA PRO A 159 -2.83 -6.95 22.25
C PRO A 159 -4.02 -7.21 23.17
N ARG A 160 -4.98 -6.28 23.24
CA ARG A 160 -6.13 -6.47 24.11
C ARG A 160 -6.99 -7.64 23.66
N ALA A 161 -7.09 -7.86 22.35
CA ALA A 161 -7.88 -8.98 21.84
C ALA A 161 -7.33 -10.31 22.36
N ARG A 162 -6.03 -10.53 22.15
CA ARG A 162 -5.43 -11.78 22.60
C ARG A 162 -5.40 -11.87 24.12
N ARG A 163 -5.24 -10.74 24.81
CA ARG A 163 -5.28 -10.76 26.26
C ARG A 163 -6.65 -11.20 26.76
N ALA A 164 -7.72 -10.68 26.16
CA ALA A 164 -9.06 -11.08 26.56
C ALA A 164 -9.31 -12.54 26.22
N VAL A 165 -8.81 -13.01 25.09
CA VAL A 165 -8.95 -14.42 24.75
C VAL A 165 -8.28 -15.30 25.80
N ALA A 166 -7.05 -14.96 26.17
CA ALA A 166 -6.32 -15.74 27.17
C ALA A 166 -7.06 -15.72 28.51
N ALA A 167 -7.53 -14.55 28.92
CA ALA A 167 -8.25 -14.45 30.20
C ALA A 167 -9.53 -15.26 30.16
N ILE A 168 -10.20 -15.31 29.00
CA ILE A 168 -11.45 -16.05 28.91
C ILE A 168 -11.19 -17.55 29.01
N TRP A 169 -10.17 -18.05 28.31
CA TRP A 169 -9.87 -19.47 28.45
C TRP A 169 -9.38 -19.81 29.86
N VAL A 170 -8.66 -18.88 30.50
CA VAL A 170 -8.23 -19.10 31.88
C VAL A 170 -9.45 -19.23 32.79
N ALA A 171 -10.38 -18.30 32.68
CA ALA A 171 -11.63 -18.37 33.46
C ALA A 171 -12.38 -19.66 33.15
N SER A 172 -12.42 -20.06 31.88
CA SER A 172 -13.17 -21.26 31.51
C SER A 172 -12.58 -22.50 32.17
N VAL A 173 -11.27 -22.70 32.02
CA VAL A 173 -10.65 -23.91 32.57
C VAL A 173 -10.73 -23.90 34.09
N VAL A 174 -10.49 -22.75 34.72
CA VAL A 174 -10.54 -22.68 36.18
C VAL A 174 -11.94 -23.00 36.68
N PHE A 175 -12.95 -22.35 36.10
CA PHE A 175 -14.32 -22.56 36.57
C PHE A 175 -14.80 -23.97 36.29
N SER A 176 -14.39 -24.56 35.17
CA SER A 176 -14.80 -25.94 34.90
C SER A 176 -14.13 -26.93 35.86
N THR A 177 -12.81 -26.82 36.04
CA THR A 177 -12.13 -27.73 36.95
C THR A 177 -12.52 -27.49 38.40
N LEU A 178 -13.13 -26.36 38.72
CA LEU A 178 -13.67 -26.15 40.06
C LEU A 178 -15.11 -26.64 40.19
N PHE A 179 -15.95 -26.40 39.19
CA PHE A 179 -17.35 -26.81 39.28
C PHE A 179 -17.48 -28.32 39.20
N ILE A 180 -16.60 -28.99 38.46
CA ILE A 180 -16.56 -30.44 38.44
C ILE A 180 -15.13 -30.87 38.71
N ALA A 181 -14.98 -32.09 39.25
CA ALA A 181 -13.90 -32.52 40.13
C ALA A 181 -14.05 -31.88 41.51
N TYR A 182 -15.04 -31.01 41.68
CA TYR A 182 -15.52 -30.55 42.97
C TYR A 182 -17.01 -30.34 42.78
N TYR A 183 -17.79 -31.37 43.11
CA TYR A 183 -19.12 -31.53 42.55
C TYR A 183 -20.12 -30.61 43.28
N ASP A 184 -21.41 -30.87 43.08
CA ASP A 184 -22.50 -29.98 43.48
C ASP A 184 -22.31 -29.41 44.87
N HIS A 185 -22.35 -28.08 44.94
CA HIS A 185 -22.30 -27.32 46.18
C HIS A 185 -23.42 -26.29 46.15
N VAL A 186 -23.50 -25.48 47.21
CA VAL A 186 -24.48 -24.40 47.23
C VAL A 186 -24.21 -23.41 46.12
N ALA A 187 -22.94 -23.05 45.92
CA ALA A 187 -22.59 -22.12 44.86
C ALA A 187 -22.66 -22.75 43.48
N VAL A 188 -22.14 -23.96 43.32
CA VAL A 188 -22.10 -24.61 42.02
C VAL A 188 -23.51 -25.02 41.62
N LEU A 189 -23.80 -24.94 40.32
CA LEU A 189 -25.14 -25.11 39.75
C LEU A 189 -26.14 -24.10 40.32
N LEU A 190 -25.65 -23.07 41.01
CA LEU A 190 -26.43 -21.89 41.37
C LEU A 190 -25.81 -20.62 40.81
N CYS A 191 -24.50 -20.45 40.99
CA CYS A 191 -23.81 -19.35 40.31
C CYS A 191 -23.76 -19.58 38.81
N LEU A 192 -23.61 -20.83 38.38
CA LEU A 192 -23.73 -21.14 36.96
C LEU A 192 -25.14 -20.84 36.46
N VAL A 193 -26.14 -20.95 37.34
CA VAL A 193 -27.50 -20.61 36.95
C VAL A 193 -27.59 -19.15 36.57
N VAL A 194 -26.97 -18.28 37.36
CA VAL A 194 -27.00 -16.84 37.07
C VAL A 194 -26.23 -16.54 35.79
N PHE A 195 -25.30 -17.43 35.41
CA PHE A 195 -24.28 -17.06 34.43
C PHE A 195 -24.80 -17.18 33.01
N PHE A 196 -25.66 -18.17 32.74
CA PHE A 196 -26.20 -18.30 31.38
C PHE A 196 -27.22 -17.22 31.07
N LEU A 197 -28.15 -16.95 31.98
CA LEU A 197 -29.10 -15.87 31.74
C LEU A 197 -28.38 -14.53 31.60
N ALA A 198 -27.41 -14.28 32.47
CA ALA A 198 -26.75 -12.98 32.49
C ALA A 198 -25.98 -12.72 31.20
N MET A 199 -25.68 -13.76 30.43
CA MET A 199 -24.99 -13.52 29.17
C MET A 199 -25.99 -13.36 28.03
N LEU A 200 -26.97 -14.27 27.91
CA LEU A 200 -27.96 -14.14 26.86
C LEU A 200 -28.75 -12.84 26.99
N VAL A 201 -29.04 -12.41 28.23
CA VAL A 201 -29.59 -11.08 28.41
C VAL A 201 -28.62 -10.04 27.88
N LEU A 202 -27.34 -10.16 28.24
CA LEU A 202 -26.34 -9.23 27.72
C LEU A 202 -26.01 -9.53 26.26
N MET A 203 -26.38 -10.72 25.80
CA MET A 203 -26.38 -11.00 24.37
C MET A 203 -27.54 -10.29 23.69
N ALA A 204 -28.72 -10.34 24.33
CA ALA A 204 -29.93 -9.81 23.71
C ALA A 204 -29.92 -8.29 23.69
N VAL A 205 -29.54 -7.66 24.80
CA VAL A 205 -29.61 -6.21 24.89
C VAL A 205 -28.73 -5.56 23.83
N LEU A 206 -27.56 -6.14 23.56
CA LEU A 206 -26.65 -5.54 22.60
C LEU A 206 -27.20 -5.61 21.18
N TYR A 207 -27.72 -6.77 20.78
CA TYR A 207 -28.25 -6.90 19.43
C TYR A 207 -29.65 -6.34 19.27
N VAL A 208 -30.32 -5.97 20.35
CA VAL A 208 -31.56 -5.21 20.23
C VAL A 208 -31.27 -3.71 20.16
N HIS A 209 -30.31 -3.24 20.96
CA HIS A 209 -29.90 -1.84 20.93
C HIS A 209 -29.07 -1.51 19.70
N MET A 210 -28.96 -2.42 18.74
CA MET A 210 -28.37 -2.09 17.45
C MET A 210 -29.29 -2.37 16.27
N LEU A 211 -30.47 -2.97 16.49
CA LEU A 211 -31.53 -2.85 15.51
C LEU A 211 -32.26 -1.53 15.67
N ALA A 212 -32.30 -0.99 16.89
CA ALA A 212 -32.88 0.33 17.10
C ALA A 212 -32.11 1.41 16.34
N ARG A 213 -30.78 1.37 16.40
CA ARG A 213 -29.98 2.28 15.58
C ARG A 213 -30.18 2.00 14.10
N ALA A 214 -30.21 0.73 13.72
CA ALA A 214 -30.37 0.39 12.31
C ALA A 214 -31.70 0.89 11.76
N CYS A 215 -32.75 0.81 12.57
CA CYS A 215 -34.02 1.41 12.17
C CYS A 215 -33.90 2.93 12.08
N GLN A 216 -33.27 3.54 13.09
CA GLN A 216 -33.12 5.00 13.09
C GLN A 216 -32.36 5.50 11.86
N HIS A 217 -31.48 4.66 11.30
CA HIS A 217 -30.76 5.04 10.10
C HIS A 217 -31.67 4.99 8.88
N ALA A 218 -32.66 4.10 8.89
CA ALA A 218 -33.56 3.97 7.75
C ALA A 218 -34.42 5.20 7.58
N GLN A 219 -34.95 5.74 8.69
CA GLN A 219 -35.73 6.98 8.58
C GLN A 219 -34.88 8.13 8.08
N GLY A 220 -33.64 8.22 8.57
CA GLY A 220 -32.74 9.27 8.08
C GLY A 220 -32.47 9.14 6.60
N ILE A 221 -32.30 7.91 6.12
CA ILE A 221 -32.04 7.69 4.69
C ILE A 221 -33.27 8.06 3.87
N ALA A 222 -34.44 7.55 4.26
CA ALA A 222 -35.63 7.69 3.42
C ALA A 222 -36.18 9.11 3.44
N ARG A 223 -35.90 9.86 4.50
CA ARG A 223 -36.39 11.23 4.59
C ARG A 223 -35.79 12.11 3.49
N LEU A 224 -34.54 11.82 3.11
CA LEU A 224 -33.83 12.59 2.09
C LEU A 224 -33.76 11.84 0.76
N HIS A 225 -34.63 10.86 0.57
CA HIS A 225 -34.65 10.08 -0.66
C HIS A 225 -35.64 10.66 -1.66
N LEU A 237 -36.12 -3.65 9.14
CA LEU A 237 -36.21 -4.43 7.90
C LEU A 237 -35.34 -5.67 7.98
N LYS A 238 -34.18 -5.64 7.33
CA LYS A 238 -33.26 -6.77 7.38
C LYS A 238 -32.67 -6.95 8.77
N GLY A 239 -32.53 -5.86 9.52
CA GLY A 239 -32.05 -5.96 10.88
C GLY A 239 -32.98 -6.78 11.76
N ALA A 240 -34.27 -6.78 11.44
CA ALA A 240 -35.21 -7.67 12.13
C ALA A 240 -34.79 -9.12 11.94
N VAL A 241 -34.45 -9.49 10.70
CA VAL A 241 -33.98 -10.85 10.42
C VAL A 241 -32.68 -11.13 11.17
N THR A 242 -31.77 -10.16 11.17
CA THR A 242 -30.47 -10.38 11.81
C THR A 242 -30.63 -10.62 13.31
N LEU A 243 -31.33 -9.72 13.99
CA LEU A 243 -31.60 -9.90 15.41
C LEU A 243 -32.36 -11.20 15.68
N THR A 244 -33.38 -11.50 14.88
CA THR A 244 -34.19 -12.68 15.11
C THR A 244 -33.36 -13.95 15.00
N ILE A 245 -32.51 -14.05 13.98
CA ILE A 245 -31.64 -15.21 13.88
C ILE A 245 -30.67 -15.26 15.05
N LEU A 246 -29.87 -14.20 15.21
CA LEU A 246 -28.79 -14.22 16.19
C LEU A 246 -29.28 -14.36 17.62
N LEU A 247 -30.56 -14.14 17.88
CA LEU A 247 -31.11 -14.40 19.21
C LEU A 247 -31.89 -15.70 19.29
N GLY A 248 -32.81 -15.95 18.37
CA GLY A 248 -33.64 -17.14 18.45
C GLY A 248 -32.86 -18.42 18.25
N ILE A 249 -31.90 -18.43 17.33
CA ILE A 249 -31.08 -19.63 17.16
C ILE A 249 -30.34 -19.94 18.44
N PHE A 250 -29.73 -18.92 19.06
CA PHE A 250 -28.97 -19.13 20.28
C PHE A 250 -29.88 -19.63 21.40
N PHE A 251 -31.06 -19.02 21.52
CA PHE A 251 -31.99 -19.41 22.57
C PHE A 251 -32.48 -20.84 22.36
N LEU A 252 -32.95 -21.16 21.16
CA LEU A 252 -33.45 -22.50 20.90
C LEU A 252 -32.37 -23.57 21.06
N CYS A 253 -31.13 -23.25 20.70
CA CYS A 253 -30.07 -24.24 20.84
C CYS A 253 -29.62 -24.42 22.28
N TRP A 254 -29.65 -23.36 23.10
CA TRP A 254 -29.04 -23.49 24.42
C TRP A 254 -30.03 -23.67 25.57
N GLY A 255 -31.27 -23.17 25.45
CA GLY A 255 -32.21 -23.17 26.54
C GLY A 255 -32.54 -24.50 27.18
N PRO A 256 -32.75 -25.58 26.39
CA PRO A 256 -33.10 -26.87 26.98
C PRO A 256 -32.16 -27.32 28.09
N PHE A 257 -30.86 -27.40 27.78
CA PHE A 257 -29.90 -27.87 28.77
C PHE A 257 -29.95 -27.01 30.02
N PHE A 258 -30.15 -25.71 29.87
CA PHE A 258 -30.06 -24.86 31.04
C PHE A 258 -31.33 -24.92 31.88
N LEU A 259 -32.49 -25.13 31.25
CA LEU A 259 -33.67 -25.39 32.07
C LEU A 259 -33.55 -26.74 32.78
N HIS A 260 -32.89 -27.71 32.13
CA HIS A 260 -32.56 -28.97 32.79
C HIS A 260 -31.75 -28.71 34.05
N LEU A 261 -30.67 -27.94 33.94
CA LEU A 261 -29.79 -27.68 35.06
C LEU A 261 -30.36 -26.65 36.03
N THR A 262 -31.47 -25.98 35.69
CA THR A 262 -32.18 -25.18 36.66
C THR A 262 -33.16 -26.02 37.46
N LEU A 263 -33.76 -27.03 36.82
CA LEU A 263 -34.66 -27.92 37.54
C LEU A 263 -33.91 -28.90 38.43
N ILE A 264 -32.73 -29.34 38.02
CA ILE A 264 -32.00 -30.36 38.77
C ILE A 264 -31.65 -29.90 40.18
N VAL A 265 -31.80 -28.61 40.47
CA VAL A 265 -31.42 -28.06 41.78
C VAL A 265 -32.62 -27.62 42.60
N LEU A 266 -33.82 -27.62 42.04
CA LEU A 266 -35.00 -27.18 42.78
C LEU A 266 -36.24 -28.06 42.63
N CYS A 267 -36.33 -28.88 41.59
CA CYS A 267 -37.55 -29.66 41.31
C CYS A 267 -37.18 -31.11 40.99
N PRO A 268 -36.75 -31.88 41.99
CA PRO A 268 -36.63 -33.33 41.75
C PRO A 268 -37.88 -34.13 42.11
N GLU A 269 -39.09 -33.63 41.84
CA GLU A 269 -40.29 -34.45 42.09
C GLU A 269 -41.48 -33.94 41.28
N HIS A 270 -41.68 -34.55 40.11
CA HIS A 270 -42.90 -34.52 39.31
C HIS A 270 -42.80 -35.61 38.25
N PRO A 271 -43.93 -36.02 37.66
CA PRO A 271 -43.87 -36.98 36.56
C PRO A 271 -43.46 -36.38 35.22
N THR A 272 -43.38 -35.05 35.11
CA THR A 272 -42.88 -34.39 33.91
C THR A 272 -41.58 -33.65 34.13
N CYS A 273 -41.39 -33.06 35.31
CA CYS A 273 -40.13 -32.46 35.72
C CYS A 273 -39.02 -33.48 35.86
N GLY A 274 -39.33 -34.76 35.66
CA GLY A 274 -38.33 -35.80 35.58
C GLY A 274 -38.40 -36.51 34.24
N CYS A 275 -39.55 -36.37 33.56
CA CYS A 275 -39.69 -36.93 32.22
C CYS A 275 -38.86 -36.16 31.20
N ILE A 276 -38.86 -34.83 31.30
CA ILE A 276 -38.05 -34.04 30.37
C ILE A 276 -36.57 -34.17 30.69
N PHE A 277 -36.22 -34.57 31.93
CA PHE A 277 -34.83 -34.85 32.26
C PHE A 277 -34.30 -36.01 31.42
N LYS A 278 -35.15 -37.01 31.16
CA LYS A 278 -34.73 -38.16 30.37
C LYS A 278 -34.30 -37.77 28.96
N ASN A 279 -34.71 -36.60 28.49
CA ASN A 279 -34.27 -36.06 27.21
C ASN A 279 -33.02 -35.19 27.34
N PHE A 280 -32.18 -35.45 28.34
CA PHE A 280 -30.91 -34.75 28.48
C PHE A 280 -30.01 -34.98 27.27
N ASN A 281 -30.06 -36.17 26.68
CA ASN A 281 -29.30 -36.43 25.48
C ASN A 281 -29.78 -35.56 24.33
N LEU A 282 -31.09 -35.39 24.19
CA LEU A 282 -31.62 -34.50 23.17
C LEU A 282 -31.22 -33.06 23.46
N PHE A 283 -31.18 -32.68 24.74
CA PHE A 283 -30.72 -31.35 25.13
C PHE A 283 -29.30 -31.12 24.66
N LEU A 284 -28.43 -32.10 24.89
CA LEU A 284 -27.03 -31.94 24.51
C LEU A 284 -26.86 -31.99 22.99
N ALA A 285 -27.70 -32.74 22.30
CA ALA A 285 -27.66 -32.75 20.84
C ALA A 285 -28.14 -31.42 20.27
N LEU A 286 -29.09 -30.76 20.93
CA LEU A 286 -29.46 -29.41 20.54
C LEU A 286 -28.30 -28.45 20.78
N ILE A 287 -27.59 -28.61 21.89
CA ILE A 287 -26.39 -27.80 22.13
C ILE A 287 -25.38 -27.99 21.00
N ILE A 288 -25.11 -29.24 20.63
CA ILE A 288 -24.01 -29.53 19.72
C ILE A 288 -24.25 -28.95 18.33
N CYS A 289 -25.49 -28.56 18.03
CA CYS A 289 -25.75 -27.85 16.78
C CYS A 289 -25.15 -26.44 16.76
N ASN A 290 -24.70 -25.94 17.92
CA ASN A 290 -24.11 -24.60 17.97
C ASN A 290 -22.81 -24.53 17.20
N ALA A 291 -21.93 -25.52 17.38
CA ALA A 291 -20.70 -25.53 16.61
C ALA A 291 -20.96 -25.68 15.12
N ILE A 292 -22.17 -26.07 14.73
CA ILE A 292 -22.54 -26.14 13.33
C ILE A 292 -23.08 -24.80 12.84
N ILE A 293 -23.85 -24.11 13.67
CA ILE A 293 -24.56 -22.92 13.22
C ILE A 293 -23.76 -21.64 13.48
N ASP A 294 -23.26 -21.44 14.71
CA ASP A 294 -22.71 -20.16 15.11
C ASP A 294 -21.53 -19.70 14.26
N PRO A 295 -20.48 -20.49 14.02
CA PRO A 295 -19.42 -20.01 13.13
C PRO A 295 -19.92 -19.73 11.73
N LEU A 296 -20.94 -20.47 11.27
CA LEU A 296 -21.49 -20.23 9.95
C LEU A 296 -22.18 -18.87 9.86
N ILE A 297 -22.86 -18.46 10.93
CA ILE A 297 -23.61 -17.22 10.87
C ILE A 297 -22.71 -16.02 11.19
N TYR A 298 -21.64 -16.24 11.96
CA TYR A 298 -20.75 -15.12 12.26
C TYR A 298 -19.70 -14.93 11.17
N ALA A 299 -18.90 -15.96 10.90
CA ALA A 299 -18.04 -15.96 9.73
C ALA A 299 -18.91 -16.36 8.53
N PHE A 300 -18.29 -16.63 7.39
CA PHE A 300 -18.99 -17.06 6.19
C PHE A 300 -20.06 -16.08 5.74
N HIS A 301 -20.03 -14.86 6.28
CA HIS A 301 -20.87 -13.77 5.84
C HIS A 301 -20.10 -12.63 5.19
N SER A 302 -18.86 -12.42 5.59
CA SER A 302 -18.02 -11.41 4.95
C SER A 302 -17.54 -11.89 3.59
N GLN A 303 -17.35 -10.94 2.67
CA GLN A 303 -16.88 -11.27 1.33
C GLN A 303 -15.50 -11.90 1.37
N GLU A 304 -14.66 -11.52 2.34
CA GLU A 304 -13.34 -12.10 2.45
C GLU A 304 -13.40 -13.60 2.72
N LEU A 305 -14.28 -14.02 3.62
CA LEU A 305 -14.47 -15.45 3.87
C LEU A 305 -15.18 -16.12 2.71
N ARG A 306 -16.15 -15.44 2.10
CA ARG A 306 -16.89 -16.04 1.00
C ARG A 306 -16.01 -16.24 -0.22
N ARG A 307 -14.94 -15.46 -0.36
CA ARG A 307 -14.01 -15.66 -1.47
C ARG A 307 -13.26 -16.98 -1.33
N THR A 308 -12.84 -17.30 -0.11
CA THR A 308 -12.09 -18.53 0.14
C THR A 308 -12.91 -19.52 0.96
N LEU B 5 21.98 -20.49 10.37
CA LEU B 5 21.79 -19.06 10.52
C LEU B 5 23.05 -18.42 11.12
N SER B 6 23.79 -17.71 10.29
CA SER B 6 25.09 -17.18 10.67
C SER B 6 24.95 -16.01 11.63
N ALA B 7 26.08 -15.63 12.22
CA ALA B 7 26.09 -14.56 13.22
C ALA B 7 25.64 -13.24 12.65
N GLU B 8 26.07 -12.93 11.41
CA GLU B 8 25.61 -11.70 10.77
C GLU B 8 24.20 -11.84 10.24
N ASP B 9 23.81 -13.03 9.79
CA ASP B 9 22.44 -13.25 9.36
C ASP B 9 21.48 -13.29 10.54
N LYS B 10 21.95 -13.76 11.70
CA LYS B 10 21.11 -13.73 12.90
C LYS B 10 20.81 -12.29 13.32
N ALA B 11 21.74 -11.37 13.06
CA ALA B 11 21.45 -9.97 13.29
C ALA B 11 20.70 -9.33 12.13
N ALA B 12 20.66 -9.99 10.97
CA ALA B 12 19.83 -9.51 9.87
C ALA B 12 18.36 -9.80 10.10
N VAL B 13 18.03 -10.90 10.78
CA VAL B 13 16.66 -11.22 11.15
C VAL B 13 16.28 -10.57 12.46
N GLU B 14 17.14 -9.72 13.02
CA GLU B 14 16.89 -9.08 14.30
C GLU B 14 16.55 -7.61 14.10
N ARG B 15 17.36 -6.88 13.33
CA ARG B 15 17.00 -5.51 12.99
C ARG B 15 15.71 -5.46 12.18
N SER B 16 15.44 -6.49 11.37
CA SER B 16 14.17 -6.56 10.67
C SER B 16 13.01 -6.60 11.65
N LYS B 17 13.21 -7.27 12.79
CA LYS B 17 12.14 -7.34 13.79
C LYS B 17 12.05 -6.05 14.60
N MET B 18 13.19 -5.38 14.86
CA MET B 18 13.06 -4.06 15.46
C MET B 18 12.42 -3.06 14.52
N ILE B 19 12.43 -3.32 13.21
CA ILE B 19 11.67 -2.46 12.31
C ILE B 19 10.19 -2.91 12.27
N GLU B 20 9.93 -4.21 12.44
CA GLU B 20 8.56 -4.67 12.65
C GLU B 20 7.88 -3.95 13.81
N LYS B 21 8.55 -3.84 14.95
CA LYS B 21 7.95 -3.14 16.07
C LYS B 21 7.84 -1.64 15.86
N GLN B 22 8.43 -1.11 14.79
CA GLN B 22 8.18 0.27 14.42
C GLN B 22 7.01 0.40 13.46
N LEU B 23 6.81 -0.59 12.58
CA LEU B 23 5.66 -0.58 11.70
C LEU B 23 4.38 -1.01 12.40
N GLN B 24 4.50 -1.78 13.49
CA GLN B 24 3.36 -2.06 14.34
C GLN B 24 3.08 -0.93 15.32
N LYS B 25 3.93 0.10 15.33
CA LYS B 25 3.61 1.32 16.08
C LYS B 25 2.85 2.31 15.22
N ASP B 26 3.23 2.41 13.95
CA ASP B 26 2.58 3.35 13.04
C ASP B 26 1.24 2.86 12.52
N LYS B 27 0.98 1.54 12.57
CA LYS B 27 -0.33 1.04 12.21
C LYS B 27 -1.41 1.57 13.15
N GLN B 28 -1.09 1.63 14.45
CA GLN B 28 -2.04 2.19 15.41
C GLN B 28 -2.31 3.66 15.11
N VAL B 29 -1.28 4.41 14.73
CA VAL B 29 -1.48 5.81 14.39
C VAL B 29 -2.25 5.95 13.07
N TYR B 30 -1.93 5.11 12.08
CA TYR B 30 -2.54 5.23 10.77
C TYR B 30 -4.03 4.90 10.80
N ARG B 31 -4.42 3.87 11.56
CA ARG B 31 -5.82 3.46 11.61
C ARG B 31 -6.60 4.15 12.72
N ALA B 32 -5.98 5.08 13.46
CA ALA B 32 -6.69 5.86 14.46
C ALA B 32 -6.77 7.33 14.06
N THR B 33 -6.59 7.63 12.79
CA THR B 33 -6.70 9.00 12.28
C THR B 33 -7.33 8.93 10.90
N HIS B 34 -8.44 9.65 10.71
CA HIS B 34 -9.24 9.54 9.51
C HIS B 34 -8.89 10.62 8.51
N ARG B 35 -8.83 10.24 7.24
CA ARG B 35 -8.47 11.14 6.17
C ARG B 35 -9.71 11.71 5.50
N LEU B 36 -9.59 12.93 4.97
CA LEU B 36 -10.66 13.59 4.26
C LEU B 36 -10.09 14.35 3.07
N LEU B 37 -10.82 14.33 1.95
CA LEU B 37 -10.44 15.09 0.77
C LEU B 37 -11.41 16.24 0.58
N LEU B 38 -10.88 17.42 0.27
CA LEU B 38 -11.66 18.63 0.03
C LEU B 38 -11.65 18.94 -1.46
N LEU B 39 -12.83 19.13 -2.03
CA LEU B 39 -12.98 19.42 -3.45
C LEU B 39 -13.95 20.58 -3.63
N GLY B 40 -13.76 21.32 -4.73
CA GLY B 40 -14.55 22.51 -4.94
C GLY B 40 -14.15 23.21 -6.22
N ALA B 41 -14.35 24.53 -6.25
CA ALA B 41 -14.05 25.32 -7.43
C ALA B 41 -13.44 26.66 -7.06
N ASP B 42 -13.34 27.56 -8.04
CA ASP B 42 -12.63 28.82 -7.81
C ASP B 42 -13.35 29.70 -6.80
N ASN B 43 -14.65 29.91 -6.98
CA ASN B 43 -15.46 30.73 -6.09
C ASN B 43 -16.24 29.91 -5.09
N SER B 44 -15.96 28.60 -5.00
CA SER B 44 -16.70 27.74 -4.07
C SER B 44 -16.52 28.19 -2.63
N GLY B 45 -15.31 28.54 -2.26
CA GLY B 45 -15.01 28.95 -0.90
C GLY B 45 -14.30 27.93 -0.06
N LYS B 46 -13.78 26.85 -0.65
CA LYS B 46 -13.06 25.86 0.14
C LYS B 46 -11.80 26.47 0.76
N SER B 47 -11.21 27.46 0.09
CA SER B 47 -10.13 28.21 0.71
C SER B 47 -10.61 28.89 1.98
N THR B 48 -11.79 29.52 1.93
CA THR B 48 -12.34 30.14 3.13
C THR B 48 -12.75 29.09 4.16
N ILE B 49 -13.24 27.94 3.72
CA ILE B 49 -13.57 26.85 4.65
C ILE B 49 -12.33 26.45 5.43
N VAL B 50 -11.23 26.18 4.73
CA VAL B 50 -9.99 25.81 5.39
C VAL B 50 -9.52 26.92 6.31
N LYS B 51 -9.46 28.14 5.78
CA LYS B 51 -8.97 29.27 6.57
C LYS B 51 -9.81 29.49 7.82
N GLN B 52 -11.08 29.07 7.79
CA GLN B 52 -11.92 29.23 8.97
C GLN B 52 -11.74 28.10 9.96
N MET B 53 -11.59 26.86 9.48
CA MET B 53 -11.57 25.74 10.41
C MET B 53 -10.26 24.95 10.44
N ARG B 54 -9.30 25.24 9.54
CA ARG B 54 -7.94 24.77 9.79
C ARG B 54 -7.36 25.41 11.03
N ILE B 55 -7.65 26.69 11.23
CA ILE B 55 -7.07 27.47 12.32
C ILE B 55 -7.70 27.07 13.65
N TYR B 56 -8.64 26.13 13.61
CA TYR B 56 -9.26 25.61 14.83
C TYR B 56 -9.44 24.10 14.72
N THR B 181 4.37 26.42 -5.26
CA THR B 181 4.26 25.26 -6.14
C THR B 181 4.14 23.94 -5.37
N SER B 182 3.52 23.99 -4.19
CA SER B 182 3.32 22.80 -3.38
C SER B 182 2.10 22.05 -3.91
N GLY B 183 2.29 20.77 -4.26
CA GLY B 183 1.23 20.03 -4.94
C GLY B 183 -0.01 19.83 -4.09
N ILE B 184 0.17 19.41 -2.85
CA ILE B 184 -0.94 19.11 -1.96
C ILE B 184 -0.77 19.90 -0.67
N PHE B 185 -1.85 20.49 -0.20
CA PHE B 185 -1.85 21.31 1.01
C PHE B 185 -2.52 20.52 2.13
N GLU B 186 -1.77 20.30 3.20
CA GLU B 186 -2.24 19.48 4.31
C GLU B 186 -3.11 20.32 5.24
N THR B 187 -3.86 19.64 6.11
CA THR B 187 -4.59 20.31 7.17
C THR B 187 -4.73 19.36 8.36
N LYS B 188 -4.42 19.87 9.55
CA LYS B 188 -4.54 19.13 10.80
C LYS B 188 -5.69 19.70 11.62
N PHE B 189 -6.59 18.83 12.08
CA PHE B 189 -7.59 19.21 13.06
C PHE B 189 -8.17 17.96 13.69
N GLN B 190 -8.54 18.08 14.96
CA GLN B 190 -9.14 16.98 15.71
C GLN B 190 -10.34 17.51 16.47
N VAL B 191 -11.37 16.67 16.62
CA VAL B 191 -12.55 16.98 17.42
C VAL B 191 -12.88 15.76 18.27
N ASP B 192 -13.01 15.98 19.58
CA ASP B 192 -13.34 14.92 20.54
C ASP B 192 -12.38 13.73 20.42
N LYS B 193 -11.09 14.02 20.56
CA LYS B 193 -10.04 13.02 20.64
C LYS B 193 -10.02 12.10 19.42
N VAL B 194 -10.36 12.63 18.25
CA VAL B 194 -10.24 11.91 16.99
C VAL B 194 -9.54 12.82 15.99
N ASN B 195 -8.46 12.32 15.40
CA ASN B 195 -7.61 13.12 14.52
C ASN B 195 -8.06 12.98 13.08
N PHE B 196 -8.20 14.10 12.39
CA PHE B 196 -8.66 14.13 11.00
C PHE B 196 -7.61 14.79 10.11
N HIS B 197 -7.34 14.16 8.98
CA HIS B 197 -6.63 14.78 7.88
C HIS B 197 -7.61 15.59 7.03
N MET B 198 -7.07 16.49 6.21
CA MET B 198 -7.85 17.11 5.15
C MET B 198 -6.87 17.58 4.07
N PHE B 199 -6.83 16.85 2.97
CA PHE B 199 -5.85 17.09 1.92
C PHE B 199 -6.47 18.04 0.90
N ASP B 200 -6.17 19.32 1.02
CA ASP B 200 -6.58 20.29 0.03
C ASP B 200 -5.61 20.21 -1.14
N VAL B 201 -6.13 19.91 -2.33
CA VAL B 201 -5.33 19.74 -3.52
C VAL B 201 -5.13 21.12 -4.13
N GLY B 202 -3.91 21.64 -4.04
CA GLY B 202 -3.65 23.03 -4.36
C GLY B 202 -3.03 23.26 -5.72
N ALA B 203 -1.71 23.47 -5.75
CA ALA B 203 -1.05 23.92 -6.97
C ALA B 203 -0.91 22.77 -7.97
N GLN B 204 -2.03 22.18 -8.35
CA GLN B 204 -2.12 21.20 -9.40
C GLN B 204 -2.80 21.82 -10.62
N ARG B 205 -3.08 20.98 -11.60
CA ARG B 205 -3.54 21.47 -12.88
C ARG B 205 -5.06 21.35 -12.97
N ASP B 206 -5.62 21.79 -14.09
CA ASP B 206 -7.08 21.83 -14.23
C ASP B 206 -7.69 20.43 -14.22
N GLU B 207 -7.06 19.47 -14.87
CA GLU B 207 -7.63 18.12 -14.94
C GLU B 207 -7.58 17.45 -13.57
N ARG B 208 -8.38 16.39 -13.42
CA ARG B 208 -8.66 15.84 -12.12
C ARG B 208 -8.60 14.32 -12.02
N ARG B 209 -8.52 13.58 -13.11
CA ARG B 209 -8.83 12.16 -13.12
C ARG B 209 -7.65 11.26 -12.85
N LYS B 210 -6.54 11.79 -12.33
CA LYS B 210 -5.40 10.93 -12.07
C LYS B 210 -4.84 11.14 -10.67
N TRP B 211 -5.12 12.30 -10.08
CA TRP B 211 -4.82 12.51 -8.69
C TRP B 211 -6.04 12.38 -7.81
N ILE B 212 -7.21 12.08 -8.39
CA ILE B 212 -8.39 11.80 -7.59
C ILE B 212 -8.43 10.32 -7.18
N GLN B 213 -7.75 9.45 -7.92
CA GLN B 213 -7.66 8.04 -7.56
C GLN B 213 -6.91 7.84 -6.26
N CYS B 214 -5.94 8.71 -5.98
CA CYS B 214 -5.11 8.56 -4.79
C CYS B 214 -5.92 8.69 -3.51
N PHE B 215 -7.14 9.22 -3.59
CA PHE B 215 -7.97 9.43 -2.42
C PHE B 215 -9.08 8.39 -2.29
N ASN B 216 -8.80 7.14 -2.67
CA ASN B 216 -9.63 6.04 -2.22
C ASN B 216 -9.25 5.71 -0.78
N ASP B 217 -9.93 4.70 -0.22
CA ASP B 217 -9.84 4.30 1.19
C ASP B 217 -9.80 5.50 2.13
N VAL B 218 -10.47 6.58 1.73
CA VAL B 218 -10.57 7.77 2.53
C VAL B 218 -11.92 7.75 3.24
N THR B 219 -12.01 8.44 4.36
CA THR B 219 -13.27 8.40 5.11
C THR B 219 -14.39 9.12 4.37
N ALA B 220 -14.12 10.32 3.86
CA ALA B 220 -15.17 11.10 3.20
C ALA B 220 -14.53 12.14 2.29
N ILE B 221 -15.37 12.70 1.42
CA ILE B 221 -14.99 13.76 0.49
C ILE B 221 -15.87 14.95 0.76
N ILE B 222 -15.28 16.05 1.21
CA ILE B 222 -16.00 17.31 1.37
C ILE B 222 -15.99 18.03 0.03
N PHE B 223 -17.16 18.41 -0.45
CA PHE B 223 -17.31 19.01 -1.78
C PHE B 223 -18.07 20.33 -1.66
N VAL B 224 -17.31 21.40 -1.42
CA VAL B 224 -17.90 22.73 -1.28
C VAL B 224 -18.40 23.21 -2.64
N VAL B 225 -19.62 23.73 -2.66
CA VAL B 225 -20.24 24.25 -3.88
C VAL B 225 -20.86 25.60 -3.56
N ASP B 226 -20.63 26.58 -4.44
CA ASP B 226 -21.29 27.88 -4.36
C ASP B 226 -22.55 27.84 -5.21
N SER B 227 -23.70 27.96 -4.57
CA SER B 227 -24.99 27.87 -5.24
C SER B 227 -25.61 29.23 -5.51
N SER B 228 -24.85 30.31 -5.34
CA SER B 228 -25.37 31.66 -5.59
C SER B 228 -24.94 32.21 -6.93
N ASP B 229 -24.43 31.37 -7.82
CA ASP B 229 -24.09 31.77 -9.20
C ASP B 229 -24.57 30.63 -10.10
N TYR B 230 -25.80 30.76 -10.60
CA TYR B 230 -26.43 29.67 -11.33
C TYR B 230 -25.70 29.31 -12.60
N ASN B 231 -24.84 30.19 -13.11
CA ASN B 231 -24.05 29.85 -14.30
C ASN B 231 -23.14 28.66 -14.02
N ARG B 232 -22.51 28.64 -12.86
CA ARG B 232 -21.58 27.57 -12.49
C ARG B 232 -22.24 26.49 -11.63
N LEU B 233 -23.51 26.65 -11.28
CA LEU B 233 -24.19 25.65 -10.45
C LEU B 233 -24.29 24.32 -11.18
N GLN B 234 -24.61 24.35 -12.47
CA GLN B 234 -24.70 23.10 -13.21
C GLN B 234 -23.33 22.46 -13.40
N GLU B 235 -22.28 23.27 -13.56
CA GLU B 235 -20.93 22.72 -13.60
C GLU B 235 -20.57 22.05 -12.29
N ALA B 236 -20.96 22.67 -11.17
CA ALA B 236 -20.76 22.02 -9.86
C ALA B 236 -21.54 20.72 -9.77
N LEU B 237 -22.73 20.69 -10.37
CA LEU B 237 -23.50 19.44 -10.41
C LEU B 237 -22.77 18.37 -11.21
N ASN B 238 -22.16 18.75 -12.34
CA ASN B 238 -21.37 17.80 -13.12
C ASN B 238 -20.20 17.27 -12.31
N ASP B 239 -19.53 18.16 -11.57
CA ASP B 239 -18.42 17.72 -10.72
C ASP B 239 -18.90 16.76 -9.64
N PHE B 240 -20.06 17.05 -9.04
CA PHE B 240 -20.62 16.13 -8.05
C PHE B 240 -20.94 14.78 -8.66
N LYS B 241 -21.48 14.78 -9.88
CA LYS B 241 -21.72 13.51 -10.56
C LYS B 241 -20.42 12.75 -10.78
N SER B 242 -19.36 13.46 -11.18
CA SER B 242 -18.09 12.81 -11.44
C SER B 242 -17.53 12.18 -10.18
N ILE B 243 -17.59 12.90 -9.06
CA ILE B 243 -17.13 12.33 -7.79
C ILE B 243 -18.02 11.17 -7.37
N TRP B 244 -19.33 11.31 -7.56
CA TRP B 244 -20.27 10.31 -7.06
C TRP B 244 -20.21 9.03 -7.87
N ASN B 245 -20.05 9.13 -9.18
CA ASN B 245 -20.05 7.97 -10.05
C ASN B 245 -18.65 7.43 -10.30
N ASN B 246 -17.63 8.00 -9.66
CA ASN B 246 -16.27 7.55 -9.90
C ASN B 246 -16.11 6.10 -9.47
N ARG B 247 -15.34 5.34 -10.27
CA ARG B 247 -15.20 3.91 -10.03
C ARG B 247 -14.51 3.63 -8.71
N TRP B 248 -13.53 4.45 -8.33
CA TRP B 248 -12.85 4.29 -7.06
C TRP B 248 -13.52 5.06 -5.94
N LEU B 249 -14.23 6.14 -6.27
CA LEU B 249 -15.05 6.83 -5.31
C LEU B 249 -16.50 6.35 -5.34
N ARG B 250 -16.71 5.04 -5.26
CA ARG B 250 -18.03 4.47 -5.10
C ARG B 250 -18.28 3.95 -3.70
N THR B 251 -17.22 3.71 -2.92
CA THR B 251 -17.33 3.38 -1.51
C THR B 251 -17.07 4.61 -0.64
N ILE B 252 -17.04 5.79 -1.26
CA ILE B 252 -16.64 7.01 -0.57
C ILE B 252 -17.85 7.92 -0.47
N SER B 253 -18.25 8.24 0.75
CA SER B 253 -19.35 9.16 0.97
C SER B 253 -18.87 10.61 0.83
N VAL B 254 -19.82 11.51 0.63
CA VAL B 254 -19.55 12.91 0.33
C VAL B 254 -20.26 13.78 1.35
N ILE B 255 -19.57 14.82 1.80
CA ILE B 255 -20.15 15.85 2.66
C ILE B 255 -20.26 17.12 1.81
N LEU B 256 -21.47 17.42 1.33
CA LEU B 256 -21.66 18.62 0.49
C LEU B 256 -21.85 19.84 1.37
N PHE B 257 -20.83 20.70 1.40
CA PHE B 257 -20.92 22.00 2.03
C PHE B 257 -21.42 23.00 1.00
N LEU B 258 -22.73 23.01 0.79
CA LEU B 258 -23.35 24.00 -0.09
C LEU B 258 -23.08 25.37 0.51
N ASN B 259 -22.19 26.13 -0.11
CA ASN B 259 -21.56 27.27 0.54
C ASN B 259 -22.23 28.58 0.20
N LYS B 260 -22.04 29.55 1.08
CA LYS B 260 -22.52 30.93 0.92
C LYS B 260 -23.99 30.96 0.53
N GLN B 261 -24.82 30.45 1.43
CA GLN B 261 -26.26 30.46 1.23
C GLN B 261 -26.84 31.86 1.27
N ASP B 262 -26.20 32.78 1.99
CA ASP B 262 -26.71 34.14 2.07
C ASP B 262 -26.59 34.87 0.74
N LEU B 263 -25.52 34.63 -0.02
CA LEU B 263 -25.46 35.19 -1.37
C LEU B 263 -26.63 34.72 -2.21
N LEU B 264 -26.97 33.42 -2.12
CA LEU B 264 -28.15 32.92 -2.81
C LEU B 264 -29.42 33.52 -2.24
N ALA B 265 -29.38 33.98 -0.99
CA ALA B 265 -30.55 34.62 -0.40
C ALA B 265 -30.82 36.00 -1.00
N GLU B 266 -29.79 36.85 -1.08
CA GLU B 266 -30.02 38.12 -1.78
C GLU B 266 -30.13 37.95 -3.29
N LYS B 267 -29.69 36.81 -3.83
CA LYS B 267 -29.91 36.58 -5.26
C LYS B 267 -31.38 36.45 -5.62
N VAL B 268 -32.24 36.19 -4.64
CA VAL B 268 -33.67 36.08 -4.90
C VAL B 268 -34.49 37.09 -4.11
N LEU B 269 -33.99 37.59 -2.97
CA LEU B 269 -34.74 38.60 -2.22
C LEU B 269 -34.91 39.87 -3.05
N ALA B 270 -33.81 40.40 -3.57
CA ALA B 270 -33.86 41.49 -4.54
C ALA B 270 -33.89 40.91 -5.96
N GLY B 271 -34.98 40.18 -6.23
CA GLY B 271 -35.10 39.38 -7.44
C GLY B 271 -34.88 40.12 -8.73
N LYS B 272 -33.79 39.80 -9.40
CA LYS B 272 -33.45 40.36 -10.70
C LYS B 272 -33.12 39.30 -11.72
N SER B 273 -32.58 38.17 -11.29
CA SER B 273 -32.26 37.05 -12.17
C SER B 273 -33.30 35.94 -11.98
N LYS B 274 -33.91 35.51 -13.07
CA LYS B 274 -34.92 34.48 -13.04
C LYS B 274 -34.26 33.12 -13.02
N ILE B 275 -34.40 32.40 -11.89
CA ILE B 275 -33.77 31.10 -11.76
C ILE B 275 -34.26 30.14 -12.85
N GLU B 276 -35.49 30.33 -13.32
CA GLU B 276 -36.03 29.44 -14.33
C GLU B 276 -35.35 29.59 -15.68
N ASP B 277 -34.49 30.60 -15.86
CA ASP B 277 -33.72 30.70 -17.10
C ASP B 277 -32.84 29.47 -17.29
N TYR B 278 -32.09 29.09 -16.26
CA TYR B 278 -31.32 27.86 -16.26
C TYR B 278 -32.03 26.71 -15.56
N PHE B 279 -33.25 26.94 -15.06
CA PHE B 279 -33.96 25.94 -14.25
C PHE B 279 -35.46 26.06 -14.47
N PRO B 280 -35.94 25.68 -15.66
CA PRO B 280 -37.39 25.71 -15.90
C PRO B 280 -38.18 24.82 -14.95
N GLU B 281 -37.59 23.71 -14.49
CA GLU B 281 -38.28 22.80 -13.59
C GLU B 281 -38.49 23.38 -12.20
N PHE B 282 -37.86 24.52 -11.89
CA PHE B 282 -38.11 25.18 -10.62
C PHE B 282 -39.47 25.86 -10.58
N ALA B 283 -40.10 26.07 -11.74
CA ALA B 283 -41.38 26.77 -11.77
C ALA B 283 -42.45 26.00 -11.03
N ARG B 284 -42.65 24.73 -11.37
CA ARG B 284 -43.65 23.90 -10.70
C ARG B 284 -43.05 23.06 -9.58
N TYR B 285 -42.29 23.72 -8.70
CA TYR B 285 -41.63 23.03 -7.60
C TYR B 285 -41.96 23.74 -6.29
N THR B 286 -42.35 22.95 -5.28
CA THR B 286 -42.83 23.48 -4.01
C THR B 286 -41.90 23.04 -2.88
N THR B 287 -41.94 23.80 -1.79
CA THR B 287 -41.08 23.54 -0.64
C THR B 287 -41.33 22.14 -0.09
N PRO B 288 -40.29 21.35 0.14
CA PRO B 288 -40.49 20.01 0.71
C PRO B 288 -41.07 20.10 2.11
N GLU B 289 -41.81 19.05 2.50
CA GLU B 289 -42.52 19.05 3.77
C GLU B 289 -41.55 19.11 4.95
N ASP B 290 -40.45 18.37 4.88
CA ASP B 290 -39.52 18.27 6.00
C ASP B 290 -38.58 19.47 6.10
N ALA B 291 -38.85 20.55 5.37
CA ALA B 291 -38.00 21.73 5.45
C ALA B 291 -38.08 22.35 6.84
N THR B 292 -36.93 22.84 7.31
CA THR B 292 -36.82 23.48 8.63
C THR B 292 -36.15 24.83 8.42
N PRO B 293 -36.92 25.86 8.08
CA PRO B 293 -36.31 27.18 7.88
C PRO B 293 -35.74 27.75 9.18
N GLU B 294 -34.63 28.46 9.03
CA GLU B 294 -34.11 29.25 10.13
C GLU B 294 -35.14 30.31 10.51
N PRO B 295 -35.26 30.65 11.80
CA PRO B 295 -36.22 31.68 12.19
C PRO B 295 -36.00 32.98 11.42
N GLY B 296 -37.10 33.54 10.94
CA GLY B 296 -37.04 34.75 10.13
C GLY B 296 -36.50 34.49 8.73
N GLU B 297 -37.17 33.62 7.98
CA GLU B 297 -36.74 33.27 6.64
C GLU B 297 -37.92 33.39 5.68
N ASP B 298 -37.69 34.05 4.56
CA ASP B 298 -38.71 34.17 3.53
C ASP B 298 -38.93 32.83 2.85
N PRO B 299 -40.18 32.50 2.51
CA PRO B 299 -40.43 31.21 1.84
C PRO B 299 -39.74 31.04 0.50
N ARG B 300 -39.56 32.12 -0.26
CA ARG B 300 -38.99 32.00 -1.61
C ARG B 300 -37.54 31.52 -1.55
N VAL B 301 -36.76 32.08 -0.62
CA VAL B 301 -35.38 31.64 -0.51
C VAL B 301 -35.32 30.20 -0.03
N THR B 302 -36.28 29.78 0.80
CA THR B 302 -36.37 28.38 1.17
C THR B 302 -36.62 27.52 -0.05
N ARG B 303 -37.53 27.94 -0.91
CA ARG B 303 -37.78 27.23 -2.16
C ARG B 303 -36.49 27.07 -2.95
N ALA B 304 -35.75 28.16 -3.12
CA ALA B 304 -34.55 28.13 -3.96
C ALA B 304 -33.47 27.22 -3.36
N LYS B 305 -33.17 27.41 -2.08
CA LYS B 305 -32.07 26.66 -1.48
C LYS B 305 -32.40 25.18 -1.38
N TYR B 306 -33.62 24.84 -0.97
CA TYR B 306 -34.00 23.44 -0.91
C TYR B 306 -34.09 22.86 -2.32
N PHE B 307 -34.37 23.70 -3.30
CA PHE B 307 -34.39 23.30 -4.70
C PHE B 307 -33.01 22.83 -5.15
N ILE B 308 -32.00 23.66 -4.90
CA ILE B 308 -30.63 23.31 -5.27
C ILE B 308 -30.17 22.09 -4.49
N ARG B 309 -30.48 22.05 -3.20
CA ARG B 309 -30.12 20.87 -2.40
C ARG B 309 -30.77 19.63 -3.00
N ASP B 310 -31.97 19.77 -3.54
CA ASP B 310 -32.66 18.60 -4.07
C ASP B 310 -32.00 18.17 -5.35
N GLU B 311 -31.46 19.13 -6.09
CA GLU B 311 -30.71 18.77 -7.28
C GLU B 311 -29.43 18.06 -6.91
N PHE B 312 -28.93 18.31 -5.70
CA PHE B 312 -27.67 17.71 -5.28
C PHE B 312 -27.94 16.37 -4.60
N LEU B 313 -29.17 16.15 -4.13
CA LEU B 313 -29.58 14.85 -3.63
C LEU B 313 -30.11 13.92 -4.70
N ARG B 314 -30.58 14.45 -5.85
CA ARG B 314 -31.05 13.57 -6.91
C ARG B 314 -29.95 12.67 -7.43
N ILE B 315 -28.74 13.21 -7.64
CA ILE B 315 -27.63 12.38 -8.08
C ILE B 315 -27.31 11.33 -7.02
N SER B 316 -27.43 11.71 -5.74
CA SER B 316 -27.14 10.78 -4.67
C SER B 316 -28.10 9.59 -4.69
N THR B 317 -29.40 9.87 -4.72
CA THR B 317 -30.37 8.79 -4.73
C THR B 317 -30.39 8.03 -6.05
N ALA B 318 -29.84 8.61 -7.12
CA ALA B 318 -29.87 7.95 -8.41
C ALA B 318 -29.08 6.65 -8.40
N SER B 319 -27.91 6.65 -7.77
CA SER B 319 -27.07 5.46 -7.74
C SER B 319 -26.13 5.54 -6.54
N GLY B 320 -25.55 4.40 -6.20
CA GLY B 320 -24.66 4.31 -5.06
C GLY B 320 -24.78 3.01 -4.30
N ASP B 321 -25.90 2.31 -4.50
CA ASP B 321 -26.13 0.99 -3.91
C ASP B 321 -26.08 1.04 -2.38
N GLY B 322 -26.40 2.18 -1.80
CA GLY B 322 -26.47 2.32 -0.35
C GLY B 322 -25.13 2.25 0.36
N ARG B 323 -24.06 1.84 -0.31
CA ARG B 323 -22.76 1.74 0.36
C ARG B 323 -22.18 3.11 0.70
N HIS B 324 -22.61 4.16 0.02
CA HIS B 324 -22.19 5.51 0.38
C HIS B 324 -23.34 6.46 0.12
N TYR B 325 -23.61 7.31 1.10
CA TYR B 325 -24.68 8.29 1.01
C TYR B 325 -24.10 9.68 0.91
N CYS B 326 -24.92 10.60 0.41
CA CYS B 326 -24.56 12.01 0.33
C CYS B 326 -25.16 12.76 1.50
N TYR B 327 -24.42 13.73 2.01
CA TYR B 327 -24.82 14.42 3.24
C TYR B 327 -24.96 15.90 2.96
N PRO B 328 -26.17 16.38 2.66
CA PRO B 328 -26.35 17.79 2.34
C PRO B 328 -26.08 18.66 3.55
N HIS B 329 -25.66 19.90 3.28
CA HIS B 329 -25.38 20.82 4.36
C HIS B 329 -25.57 22.25 3.86
N PHE B 330 -26.00 23.12 4.77
CA PHE B 330 -26.32 24.51 4.48
C PHE B 330 -25.25 25.37 5.14
N THR B 331 -24.16 25.59 4.42
CA THR B 331 -22.97 26.24 4.95
C THR B 331 -22.73 27.58 4.28
N CYS B 332 -21.94 28.40 4.96
CA CYS B 332 -21.54 29.71 4.45
C CYS B 332 -20.07 29.89 4.79
N SER B 333 -19.55 31.08 4.47
CA SER B 333 -18.17 31.38 4.84
C SER B 333 -17.99 31.39 6.35
N VAL B 334 -18.93 32.01 7.06
CA VAL B 334 -18.79 32.24 8.50
C VAL B 334 -19.50 31.16 9.31
N ASP B 335 -19.78 30.01 8.72
CA ASP B 335 -20.38 28.89 9.43
C ASP B 335 -19.33 28.30 10.35
N THR B 336 -19.43 28.61 11.64
CA THR B 336 -18.36 28.33 12.60
C THR B 336 -18.51 27.00 13.32
N GLU B 337 -19.31 26.08 12.78
CA GLU B 337 -19.48 24.75 13.38
C GLU B 337 -19.38 23.67 12.31
N ASN B 338 -18.37 23.78 11.46
CA ASN B 338 -18.17 22.77 10.43
C ASN B 338 -17.53 21.51 11.00
N ALA B 339 -16.61 21.68 11.96
CA ALA B 339 -15.85 20.54 12.47
C ALA B 339 -16.77 19.48 13.05
N ARG B 340 -17.76 19.89 13.85
CA ARG B 340 -18.74 18.93 14.33
C ARG B 340 -19.51 18.28 13.19
N ARG B 341 -19.68 18.98 12.08
CA ARG B 341 -20.43 18.41 10.97
C ARG B 341 -19.65 17.29 10.30
N ILE B 342 -18.36 17.51 10.05
CA ILE B 342 -17.53 16.41 9.57
C ILE B 342 -17.48 15.28 10.60
N PHE B 343 -17.38 15.63 11.89
CA PHE B 343 -17.34 14.62 12.94
C PHE B 343 -18.57 13.72 12.90
N ASN B 344 -19.75 14.32 12.93
CA ASN B 344 -20.99 13.56 12.92
C ASN B 344 -21.13 12.77 11.63
N ASP B 345 -20.82 13.39 10.50
CA ASP B 345 -20.96 12.69 9.23
C ASP B 345 -20.08 11.45 9.20
N CYS B 346 -18.80 11.61 9.55
CA CYS B 346 -17.87 10.48 9.51
C CYS B 346 -18.29 9.38 10.47
N ARG B 347 -18.77 9.74 11.66
CA ARG B 347 -19.34 8.74 12.55
C ARG B 347 -20.48 8.01 11.86
N ASP B 348 -21.29 8.72 11.08
CA ASP B 348 -22.38 8.07 10.37
C ASP B 348 -21.88 7.12 9.31
N ILE B 349 -20.87 7.51 8.53
CA ILE B 349 -20.35 6.59 7.51
C ILE B 349 -19.82 5.33 8.15
N ILE B 350 -19.05 5.47 9.23
CA ILE B 350 -18.44 4.27 9.81
C ILE B 350 -19.52 3.41 10.49
N GLN B 351 -20.48 4.04 11.16
CA GLN B 351 -21.56 3.28 11.77
C GLN B 351 -22.34 2.51 10.72
N ARG B 352 -22.61 3.15 9.58
CA ARG B 352 -23.42 2.48 8.55
C ARG B 352 -22.63 1.40 7.84
N MET B 353 -21.32 1.58 7.66
CA MET B 353 -20.55 0.51 7.03
C MET B 353 -20.41 -0.69 7.96
N HIS B 354 -20.25 -0.47 9.28
CA HIS B 354 -20.29 -1.61 10.18
C HIS B 354 -21.68 -2.24 10.22
N LEU B 355 -22.73 -1.42 10.23
CA LEU B 355 -24.08 -1.98 10.30
C LEU B 355 -24.41 -2.80 9.06
N ARG B 356 -23.85 -2.42 7.90
CA ARG B 356 -23.96 -3.30 6.73
C ARG B 356 -23.05 -4.51 6.87
N GLN B 357 -21.89 -4.35 7.50
CA GLN B 357 -21.03 -5.50 7.76
C GLN B 357 -21.70 -6.51 8.68
N TYR B 358 -22.61 -6.05 9.51
CA TYR B 358 -23.35 -6.91 10.43
C TYR B 358 -24.71 -7.30 9.87
N GLU B 359 -24.97 -6.99 8.60
CA GLU B 359 -26.25 -7.20 7.93
C GLU B 359 -27.43 -6.75 8.79
N LEU B 360 -27.20 -5.77 9.65
CA LEU B 360 -28.27 -5.15 10.42
C LEU B 360 -28.99 -4.05 9.67
N LEU B 361 -28.45 -3.62 8.53
CA LEU B 361 -29.04 -2.52 7.78
C LEU B 361 -29.34 -2.93 6.34
N LEU C 9 -3.29 32.87 -39.22
CA LEU C 9 -3.60 31.92 -38.17
C LEU C 9 -4.23 30.67 -38.75
N ASP C 10 -5.22 30.85 -39.61
CA ASP C 10 -5.88 29.71 -40.25
C ASP C 10 -4.91 28.93 -41.12
N GLN C 11 -4.04 29.64 -41.84
CA GLN C 11 -3.04 28.96 -42.65
C GLN C 11 -2.08 28.16 -41.78
N LEU C 12 -1.84 28.62 -40.55
CA LEU C 12 -0.97 27.86 -39.64
C LEU C 12 -1.59 26.51 -39.28
N ARG C 13 -2.87 26.50 -38.92
CA ARG C 13 -3.52 25.24 -38.63
C ARG C 13 -3.65 24.38 -39.89
N GLN C 14 -3.82 25.02 -41.05
CA GLN C 14 -3.86 24.24 -42.28
C GLN C 14 -2.53 23.54 -42.54
N GLU C 15 -1.42 24.25 -42.34
CA GLU C 15 -0.11 23.63 -42.51
C GLU C 15 0.14 22.56 -41.47
N ALA C 16 -0.31 22.78 -40.23
CA ALA C 16 -0.17 21.76 -39.20
C ALA C 16 -0.95 20.50 -39.55
N GLU C 17 -2.17 20.66 -40.05
CA GLU C 17 -2.95 19.51 -40.49
C GLU C 17 -2.28 18.81 -41.66
N GLN C 18 -1.71 19.58 -42.59
CA GLN C 18 -0.99 18.97 -43.71
C GLN C 18 0.20 18.17 -43.23
N LEU C 19 0.96 18.71 -42.28
CA LEU C 19 2.11 17.98 -41.75
C LEU C 19 1.67 16.72 -41.00
N LYS C 20 0.56 16.80 -40.26
CA LYS C 20 0.05 15.62 -39.59
C LYS C 20 -0.39 14.56 -40.59
N ASN C 21 -1.01 14.99 -41.68
CA ASN C 21 -1.37 14.05 -42.74
C ASN C 21 -0.12 13.41 -43.34
N GLN C 22 0.93 14.20 -43.55
CA GLN C 22 2.19 13.65 -44.05
C GLN C 22 2.77 12.63 -43.08
N ILE C 23 2.72 12.92 -41.78
CA ILE C 23 3.21 11.98 -40.78
C ILE C 23 2.42 10.68 -40.84
N ARG C 24 1.09 10.78 -40.92
CA ARG C 24 0.28 9.57 -40.95
C ARG C 24 0.55 8.75 -42.21
N ASP C 25 0.68 9.43 -43.36
CA ASP C 25 0.97 8.72 -44.59
C ASP C 25 2.34 8.05 -44.55
N ALA C 26 3.34 8.74 -44.00
CA ALA C 26 4.67 8.14 -43.87
C ALA C 26 4.64 6.92 -42.97
N ARG C 27 3.93 7.01 -41.85
CA ARG C 27 3.80 5.86 -40.95
C ARG C 27 3.07 4.71 -41.62
N LYS C 28 2.01 5.01 -42.37
CA LYS C 28 1.26 3.96 -43.05
C LYS C 28 2.12 3.26 -44.10
N ALA C 29 2.88 4.04 -44.88
CA ALA C 29 3.77 3.44 -45.87
C ALA C 29 4.90 2.67 -45.20
N CYS C 30 5.35 3.11 -44.04
CA CYS C 30 6.42 2.43 -43.32
C CYS C 30 5.99 1.04 -42.87
N ALA C 31 4.76 0.89 -42.40
CA ALA C 31 4.28 -0.40 -41.92
C ALA C 31 4.15 -1.37 -43.07
N ASP C 32 4.62 -2.61 -42.85
CA ASP C 32 4.51 -3.67 -43.84
C ASP C 32 4.73 -5.03 -43.21
N ILE C 42 6.94 -19.66 -33.83
CA ILE C 42 7.40 -19.27 -32.51
C ILE C 42 6.58 -19.99 -31.44
N ASP C 43 7.26 -20.80 -30.64
CA ASP C 43 6.57 -21.59 -29.62
C ASP C 43 6.00 -20.67 -28.54
N PRO C 44 4.75 -20.86 -28.13
CA PRO C 44 4.18 -20.05 -27.06
C PRO C 44 4.93 -20.26 -25.76
N VAL C 45 4.90 -19.23 -24.92
CA VAL C 45 5.56 -19.30 -23.62
C VAL C 45 4.93 -20.40 -22.76
N GLY C 46 3.62 -20.53 -22.81
CA GLY C 46 2.90 -21.48 -21.97
C GLY C 46 2.34 -20.82 -20.72
N ARG C 47 1.59 -21.62 -19.98
CA ARG C 47 0.93 -21.16 -18.75
C ARG C 47 1.98 -20.97 -17.67
N ILE C 48 2.47 -19.75 -17.52
CA ILE C 48 3.46 -19.44 -16.50
C ILE C 48 2.77 -19.26 -15.16
N GLN C 49 3.20 -20.03 -14.17
CA GLN C 49 2.71 -19.91 -12.81
C GLN C 49 3.86 -19.49 -11.91
N MET C 50 3.54 -18.69 -10.89
CA MET C 50 4.53 -18.13 -10.00
C MET C 50 4.04 -18.34 -8.58
N ARG C 51 4.63 -19.30 -7.88
CA ARG C 51 4.10 -19.71 -6.57
C ARG C 51 4.67 -18.89 -5.44
N THR C 52 4.65 -17.56 -5.60
CA THR C 52 4.84 -16.57 -4.54
C THR C 52 5.86 -17.03 -3.49
N ARG C 53 7.10 -17.23 -3.95
CA ARG C 53 8.13 -17.79 -3.08
C ARG C 53 8.37 -16.94 -1.85
N ARG C 54 8.01 -15.67 -1.89
CA ARG C 54 7.97 -14.86 -0.70
C ARG C 54 6.66 -14.08 -0.68
N THR C 55 6.40 -13.46 0.47
CA THR C 55 5.23 -12.61 0.64
C THR C 55 5.65 -11.55 1.64
N LEU C 56 5.71 -10.31 1.19
CA LEU C 56 6.46 -9.28 1.90
C LEU C 56 5.47 -8.32 2.54
N ARG C 57 5.09 -8.64 3.77
CA ARG C 57 4.10 -7.86 4.49
C ARG C 57 4.78 -6.87 5.43
N GLY C 58 4.06 -5.81 5.75
CA GLY C 58 4.56 -4.80 6.66
C GLY C 58 4.14 -3.41 6.24
N HIS C 59 3.78 -3.24 4.98
CA HIS C 59 3.22 -1.97 4.54
C HIS C 59 1.86 -1.75 5.20
N LEU C 60 1.64 -0.53 5.68
CA LEU C 60 0.49 -0.24 6.50
C LEU C 60 -0.69 0.30 5.72
N ALA C 61 -0.51 0.59 4.43
CA ALA C 61 -1.49 1.32 3.67
C ALA C 61 -1.39 0.90 2.21
N LYS C 62 -1.91 1.74 1.33
CA LYS C 62 -1.80 1.53 -0.10
C LYS C 62 -0.35 1.49 -0.56
N ILE C 63 0.00 0.48 -1.35
CA ILE C 63 1.29 0.43 -2.04
C ILE C 63 1.11 0.94 -3.46
N TYR C 64 2.03 1.80 -3.90
CA TYR C 64 1.93 2.39 -5.23
C TYR C 64 3.14 2.15 -6.12
N ALA C 65 4.34 2.01 -5.57
CA ALA C 65 5.52 1.89 -6.41
C ALA C 65 6.58 1.02 -5.73
N MET C 66 7.21 0.17 -6.53
CA MET C 66 8.40 -0.59 -6.12
C MET C 66 9.47 -0.43 -7.17
N HIS C 67 10.73 -0.47 -6.74
CA HIS C 67 11.85 -0.53 -7.67
C HIS C 67 12.91 -1.46 -7.16
N TRP C 68 13.42 -2.29 -8.07
CA TRP C 68 14.50 -3.22 -7.76
C TRP C 68 15.82 -2.49 -7.62
N GLY C 69 16.68 -3.02 -6.75
CA GLY C 69 18.08 -2.64 -6.78
C GLY C 69 18.81 -3.30 -7.94
N THR C 70 19.98 -2.74 -8.29
CA THR C 70 20.71 -3.29 -9.41
C THR C 70 21.34 -4.64 -9.11
N ASP C 71 21.35 -5.06 -7.85
CA ASP C 71 21.95 -6.32 -7.44
C ASP C 71 20.98 -7.48 -7.46
N SER C 72 19.74 -7.27 -7.95
CA SER C 72 18.71 -8.28 -8.03
C SER C 72 18.34 -8.85 -6.68
N ARG C 73 18.83 -8.23 -5.60
CA ARG C 73 18.47 -8.65 -4.25
C ARG C 73 17.72 -7.58 -3.48
N LEU C 74 18.28 -6.39 -3.32
CA LEU C 74 17.61 -5.38 -2.54
C LEU C 74 16.42 -4.83 -3.31
N LEU C 75 15.50 -4.22 -2.58
CA LEU C 75 14.23 -3.81 -3.14
C LEU C 75 13.62 -2.74 -2.25
N VAL C 76 13.18 -1.65 -2.87
CA VAL C 76 12.46 -0.60 -2.17
C VAL C 76 11.03 -0.58 -2.69
N SER C 77 10.10 -0.29 -1.78
CA SER C 77 8.70 -0.17 -2.14
C SER C 77 8.17 1.12 -1.54
N ALA C 78 7.44 1.89 -2.35
CA ALA C 78 6.84 3.12 -1.91
C ALA C 78 5.35 2.87 -1.70
N SER C 79 4.88 3.14 -0.50
CA SER C 79 3.48 2.93 -0.14
C SER C 79 2.89 4.24 0.37
N GLN C 80 1.59 4.39 0.15
CA GLN C 80 0.95 5.67 0.41
C GLN C 80 0.63 5.88 1.87
N ASP C 81 1.21 5.10 2.76
CA ASP C 81 1.30 5.50 4.15
C ASP C 81 2.28 6.67 4.27
N GLY C 82 3.31 6.68 3.43
CA GLY C 82 4.32 7.71 3.49
C GLY C 82 5.67 7.18 3.93
N LYS C 83 5.99 5.95 3.52
CA LYS C 83 7.21 5.32 3.96
C LYS C 83 7.79 4.42 2.88
N LEU C 84 9.07 4.57 2.60
CA LEU C 84 9.83 3.67 1.73
C LEU C 84 10.48 2.60 2.60
N ILE C 85 10.37 1.36 2.17
CA ILE C 85 10.80 0.21 2.93
C ILE C 85 11.79 -0.59 2.08
N ILE C 86 12.98 -0.84 2.61
CA ILE C 86 14.02 -1.57 1.89
C ILE C 86 14.05 -2.99 2.44
N TRP C 87 13.81 -3.95 1.56
CA TRP C 87 13.74 -5.37 1.89
C TRP C 87 14.80 -6.20 1.18
N ASP C 88 15.14 -7.31 1.83
CA ASP C 88 16.08 -8.30 1.35
C ASP C 88 15.23 -9.40 0.73
N SER C 89 15.24 -9.48 -0.60
CA SER C 89 14.30 -10.33 -1.31
C SER C 89 14.49 -11.81 -1.01
N TYR C 90 15.63 -12.21 -0.42
CA TYR C 90 15.80 -13.62 -0.11
C TYR C 90 15.27 -13.96 1.28
N THR C 91 15.72 -13.27 2.31
CA THR C 91 15.35 -13.62 3.67
C THR C 91 14.27 -12.71 4.25
N THR C 92 13.71 -11.81 3.44
CA THR C 92 12.57 -10.98 3.84
C THR C 92 12.88 -10.21 5.12
N ASN C 93 13.80 -9.27 5.00
CA ASN C 93 14.23 -8.46 6.14
C ASN C 93 14.08 -6.98 5.83
N LYS C 94 13.77 -6.21 6.87
CA LYS C 94 13.74 -4.76 6.79
C LYS C 94 15.16 -4.23 6.90
N VAL C 95 15.79 -3.99 5.75
CA VAL C 95 17.14 -3.44 5.73
C VAL C 95 17.11 -1.99 6.18
N HIS C 96 16.17 -1.20 5.68
CA HIS C 96 16.02 0.19 6.07
C HIS C 96 14.54 0.54 6.22
N ALA C 97 14.29 1.60 6.98
CA ALA C 97 12.96 2.16 7.17
C ALA C 97 13.04 3.66 6.92
N ILE C 98 12.37 4.13 5.88
CA ILE C 98 12.49 5.50 5.41
C ILE C 98 11.13 6.19 5.58
N PRO C 99 10.92 6.91 6.67
CA PRO C 99 9.73 7.74 6.78
C PRO C 99 9.84 8.95 5.87
N LEU C 100 8.69 9.50 5.48
CA LEU C 100 8.65 10.63 4.57
C LEU C 100 7.77 11.73 5.13
N ARG C 101 7.64 12.79 4.34
CA ARG C 101 6.81 13.94 4.65
C ARG C 101 5.57 14.06 3.78
N SER C 102 5.61 13.54 2.56
CA SER C 102 4.46 13.54 1.64
C SER C 102 3.97 12.10 1.53
N SER C 103 2.82 11.82 2.16
CA SER C 103 2.29 10.47 2.18
C SER C 103 1.79 9.99 0.84
N TRP C 104 1.62 10.88 -0.13
CA TRP C 104 0.96 10.55 -1.38
C TRP C 104 1.97 10.19 -2.46
N VAL C 105 2.77 9.18 -2.15
CA VAL C 105 3.87 8.78 -3.01
C VAL C 105 3.31 8.04 -4.21
N MET C 106 3.82 8.39 -5.39
CA MET C 106 3.40 7.74 -6.62
C MET C 106 4.54 7.13 -7.40
N THR C 107 5.80 7.33 -6.99
CA THR C 107 6.92 6.72 -7.69
C THR C 107 8.07 6.50 -6.71
N CYS C 108 8.96 5.60 -7.09
CA CYS C 108 10.17 5.32 -6.33
C CYS C 108 11.23 4.79 -7.30
N ALA C 109 12.50 5.00 -6.93
CA ALA C 109 13.61 4.56 -7.75
C ALA C 109 14.79 4.18 -6.86
N TYR C 110 15.59 3.23 -7.35
CA TYR C 110 16.80 2.77 -6.69
C TYR C 110 17.98 3.13 -7.57
N ALA C 111 18.89 3.96 -7.06
CA ALA C 111 20.04 4.37 -7.87
C ALA C 111 20.94 3.17 -8.17
N PRO C 112 21.51 3.11 -9.37
CA PRO C 112 22.33 1.93 -9.71
C PRO C 112 23.49 1.70 -8.77
N SER C 113 24.12 2.77 -8.28
CA SER C 113 25.21 2.60 -7.32
C SER C 113 24.73 1.99 -6.01
N GLY C 114 23.45 2.13 -5.69
CA GLY C 114 22.92 1.64 -4.44
C GLY C 114 23.01 2.64 -3.30
N ASN C 115 23.68 3.76 -3.50
CA ASN C 115 23.80 4.76 -2.45
C ASN C 115 22.53 5.59 -2.28
N TYR C 116 21.80 5.83 -3.38
CA TYR C 116 20.68 6.75 -3.34
C TYR C 116 19.40 6.06 -3.78
N VAL C 117 18.27 6.57 -3.30
CA VAL C 117 16.95 6.20 -3.78
C VAL C 117 16.11 7.48 -3.89
N ALA C 118 15.28 7.54 -4.92
CA ALA C 118 14.44 8.70 -5.19
C ALA C 118 12.97 8.31 -5.10
N CYS C 119 12.19 9.15 -4.42
CA CYS C 119 10.75 8.98 -4.32
C CYS C 119 10.05 10.28 -4.66
N GLY C 120 8.90 10.16 -5.30
CA GLY C 120 8.10 11.32 -5.64
C GLY C 120 6.63 10.94 -5.67
N GLY C 121 5.79 11.95 -5.45
CA GLY C 121 4.34 11.73 -5.37
C GLY C 121 3.55 12.97 -5.71
N LEU C 122 2.42 13.13 -5.03
CA LEU C 122 1.51 14.23 -5.35
C LEU C 122 2.18 15.59 -5.15
N ASP C 123 2.91 15.75 -4.06
CA ASP C 123 3.69 16.96 -3.89
C ASP C 123 4.71 17.05 -5.01
N ASN C 124 4.91 18.26 -5.53
CA ASN C 124 5.65 18.43 -6.76
C ASN C 124 7.14 18.14 -6.61
N ILE C 125 7.58 17.72 -5.42
CA ILE C 125 8.99 17.54 -5.14
C ILE C 125 9.43 16.14 -5.53
N CYS C 126 10.74 15.98 -5.76
CA CYS C 126 11.38 14.67 -5.89
C CYS C 126 12.54 14.65 -4.89
N SER C 127 12.38 13.88 -3.81
CA SER C 127 13.37 13.85 -2.74
C SER C 127 14.36 12.72 -2.99
N ILE C 128 15.64 13.01 -2.76
CA ILE C 128 16.72 12.06 -2.97
C ILE C 128 17.21 11.56 -1.63
N TYR C 129 17.26 10.26 -1.45
CA TYR C 129 17.55 9.63 -0.17
C TYR C 129 18.87 8.86 -0.27
N ASN C 130 19.78 9.13 0.66
CA ASN C 130 21.12 8.56 0.65
C ASN C 130 21.17 7.33 1.55
N LEU C 131 21.43 6.16 0.97
CA LEU C 131 21.44 4.92 1.74
C LEU C 131 22.77 4.71 2.45
N LYS C 132 23.85 4.59 1.68
CA LYS C 132 25.17 4.26 2.23
C LYS C 132 25.82 5.53 2.78
N THR C 133 25.36 5.91 3.97
CA THR C 133 25.93 7.05 4.67
C THR C 133 26.89 6.57 5.75
N ARG C 134 27.76 7.48 6.17
CA ARG C 134 28.79 7.18 7.15
C ARG C 134 28.29 7.23 8.58
N GLU C 135 27.12 7.85 8.82
CA GLU C 135 26.54 7.91 10.16
C GLU C 135 25.52 6.82 10.44
N GLY C 136 25.01 6.16 9.40
CA GLY C 136 24.15 5.00 9.61
C GLY C 136 22.73 5.12 9.11
N ASN C 137 22.09 6.27 9.29
CA ASN C 137 20.68 6.43 8.98
C ASN C 137 20.48 6.94 7.56
N VAL C 138 19.53 6.33 6.86
CA VAL C 138 19.13 6.80 5.53
C VAL C 138 18.61 8.23 5.65
N ARG C 139 19.19 9.13 4.87
CA ARG C 139 18.86 10.54 4.99
C ARG C 139 18.80 11.17 3.60
N VAL C 140 18.18 12.35 3.55
CA VAL C 140 17.97 13.05 2.29
C VAL C 140 19.30 13.49 1.68
N SER C 141 19.29 13.68 0.37
CA SER C 141 20.43 14.24 -0.34
C SER C 141 20.07 15.54 -1.04
N ARG C 142 18.97 15.59 -1.78
CA ARG C 142 18.54 16.79 -2.47
C ARG C 142 17.04 16.76 -2.70
N GLU C 143 16.40 17.93 -2.61
CA GLU C 143 14.99 18.12 -2.93
C GLU C 143 14.90 18.87 -4.24
N LEU C 144 14.19 18.30 -5.21
CA LEU C 144 14.01 18.90 -6.52
C LEU C 144 12.63 19.52 -6.58
N ALA C 145 12.57 20.85 -6.80
CA ALA C 145 11.34 21.61 -6.61
C ALA C 145 10.87 22.35 -7.87
N GLY C 146 11.41 22.00 -9.03
CA GLY C 146 11.00 22.67 -10.26
C GLY C 146 9.85 22.05 -11.04
N HIS C 147 8.64 22.08 -10.49
CA HIS C 147 7.46 21.64 -11.22
C HIS C 147 6.26 22.45 -10.77
N THR C 148 5.16 22.32 -11.54
CA THR C 148 3.87 22.87 -11.18
C THR C 148 2.79 21.80 -11.20
N GLY C 149 3.19 20.53 -11.29
CA GLY C 149 2.24 19.43 -11.25
C GLY C 149 2.85 18.25 -10.55
N TYR C 150 1.97 17.36 -10.09
CA TYR C 150 2.39 16.21 -9.31
C TYR C 150 3.32 15.30 -10.10
N LEU C 151 4.29 14.74 -9.40
CA LEU C 151 5.33 13.91 -10.02
C LEU C 151 4.91 12.45 -9.98
N SER C 152 4.96 11.78 -11.12
CA SER C 152 4.42 10.43 -11.23
C SER C 152 5.44 9.36 -11.58
N CYS C 153 6.66 9.71 -11.97
CA CYS C 153 7.69 8.70 -12.26
C CYS C 153 9.05 9.35 -12.21
N CYS C 154 9.92 8.82 -11.35
CA CYS C 154 11.28 9.32 -11.20
C CYS C 154 12.26 8.17 -11.40
N ARG C 155 13.33 8.42 -12.14
CA ARG C 155 14.34 7.42 -12.43
C ARG C 155 15.73 8.04 -12.37
N PHE C 156 16.65 7.35 -11.69
CA PHE C 156 18.04 7.78 -11.63
C PHE C 156 18.75 7.48 -12.94
N LEU C 157 19.34 8.51 -13.54
CA LEU C 157 20.19 8.30 -14.72
C LEU C 157 21.55 7.75 -14.30
N ASP C 158 22.28 8.55 -13.53
CA ASP C 158 23.51 8.16 -12.87
C ASP C 158 23.40 8.61 -11.43
N ASP C 159 24.50 8.60 -10.69
CA ASP C 159 24.45 9.05 -9.30
C ASP C 159 24.10 10.54 -9.19
N ASN C 160 24.40 11.33 -10.22
CA ASN C 160 24.23 12.78 -10.15
C ASN C 160 23.24 13.30 -11.18
N GLN C 161 22.43 12.43 -11.78
CA GLN C 161 21.40 12.83 -12.72
C GLN C 161 20.13 12.05 -12.46
N ILE C 162 19.00 12.69 -12.73
CA ILE C 162 17.69 12.08 -12.53
C ILE C 162 16.76 12.57 -13.62
N VAL C 163 15.70 11.82 -13.88
CA VAL C 163 14.68 12.19 -14.85
C VAL C 163 13.31 12.02 -14.20
N THR C 164 12.48 13.07 -14.28
CA THR C 164 11.20 13.10 -13.61
C THR C 164 10.10 13.51 -14.58
N SER C 165 8.97 12.81 -14.51
CA SER C 165 7.78 13.13 -15.30
C SER C 165 6.67 13.56 -14.35
N SER C 166 6.05 14.69 -14.66
CA SER C 166 5.17 15.35 -13.70
C SER C 166 3.76 15.47 -14.23
N GLY C 167 2.90 16.10 -13.42
CA GLY C 167 1.52 16.30 -13.83
C GLY C 167 1.37 17.39 -14.87
N ASP C 168 1.92 18.56 -14.59
CA ASP C 168 2.06 19.56 -15.64
C ASP C 168 2.88 18.97 -16.78
N THR C 169 2.57 19.41 -18.00
CA THR C 169 2.96 18.64 -19.18
C THR C 169 4.46 18.73 -19.42
N THR C 170 5.27 18.18 -18.52
CA THR C 170 6.70 18.35 -18.59
C THR C 170 7.43 17.11 -18.04
N CYS C 171 8.43 16.66 -18.79
CA CYS C 171 9.50 15.82 -18.26
C CYS C 171 10.74 16.69 -18.05
N ALA C 172 11.69 16.17 -17.28
CA ALA C 172 12.85 16.99 -16.94
C ALA C 172 14.08 16.10 -16.72
N LEU C 173 15.25 16.72 -16.85
CA LEU C 173 16.52 16.13 -16.49
C LEU C 173 17.20 17.04 -15.48
N TRP C 174 17.56 16.50 -14.32
CA TRP C 174 18.10 17.31 -13.24
C TRP C 174 19.55 16.94 -12.96
N ASP C 175 20.29 17.93 -12.48
CA ASP C 175 21.63 17.74 -11.94
C ASP C 175 21.48 17.66 -10.43
N ILE C 176 21.72 16.48 -9.87
CA ILE C 176 21.42 16.25 -8.47
C ILE C 176 22.27 17.14 -7.58
N GLU C 177 23.55 17.32 -7.93
CA GLU C 177 24.43 18.13 -7.10
C GLU C 177 23.95 19.57 -7.04
N THR C 178 23.71 20.19 -8.19
CA THR C 178 23.27 21.58 -8.21
C THR C 178 21.82 21.71 -7.76
N GLY C 179 20.94 20.84 -8.27
CA GLY C 179 19.53 20.93 -7.96
C GLY C 179 18.70 21.68 -8.97
N GLN C 180 19.15 21.76 -10.23
CA GLN C 180 18.49 22.54 -11.25
C GLN C 180 18.35 21.71 -12.52
N GLN C 181 17.32 22.00 -13.31
CA GLN C 181 17.05 21.21 -14.50
C GLN C 181 18.05 21.55 -15.59
N THR C 182 18.93 20.61 -15.90
CA THR C 182 19.80 20.75 -17.06
C THR C 182 18.98 20.92 -18.33
N THR C 183 17.78 20.35 -18.35
CA THR C 183 16.93 20.41 -19.53
C THR C 183 15.49 20.16 -19.12
N THR C 184 14.56 20.93 -19.68
CA THR C 184 13.14 20.72 -19.48
C THR C 184 12.51 20.24 -20.78
N PHE C 185 11.57 19.30 -20.66
CA PHE C 185 10.94 18.64 -21.80
C PHE C 185 9.46 19.00 -21.78
N THR C 186 9.02 19.80 -22.76
CA THR C 186 7.73 20.49 -22.67
C THR C 186 6.92 20.33 -23.95
N GLY C 187 6.83 19.11 -24.47
CA GLY C 187 6.05 18.86 -25.66
C GLY C 187 4.69 18.22 -25.46
N HIS C 188 4.33 17.90 -24.22
CA HIS C 188 3.09 17.17 -23.96
C HIS C 188 1.90 18.12 -23.82
N THR C 189 0.72 17.53 -23.64
CA THR C 189 -0.51 18.28 -23.42
C THR C 189 -1.35 17.78 -22.25
N GLY C 190 -0.89 16.75 -21.53
CA GLY C 190 -1.61 16.23 -20.38
C GLY C 190 -0.72 15.80 -19.23
N ASP C 191 -1.29 15.09 -18.26
CA ASP C 191 -0.54 14.68 -17.08
C ASP C 191 0.37 13.51 -17.42
N VAL C 192 1.68 13.72 -17.29
CA VAL C 192 2.64 12.67 -17.64
C VAL C 192 2.70 11.67 -16.50
N MET C 193 2.46 10.40 -16.81
CA MET C 193 2.32 9.36 -15.80
C MET C 193 3.54 8.48 -15.63
N SER C 194 4.17 8.08 -16.74
CA SER C 194 5.18 7.05 -16.69
C SER C 194 6.47 7.56 -17.32
N LEU C 195 7.55 6.82 -17.10
CA LEU C 195 8.88 7.28 -17.47
C LEU C 195 9.84 6.11 -17.38
N SER C 196 10.62 5.91 -18.44
CA SER C 196 11.54 4.79 -18.50
C SER C 196 12.85 5.24 -19.12
N LEU C 197 13.94 5.18 -18.37
CA LEU C 197 15.26 5.45 -18.92
C LEU C 197 15.71 4.28 -19.78
N ALA C 198 16.47 4.59 -20.82
CA ALA C 198 16.93 3.57 -21.75
C ALA C 198 18.07 2.78 -21.13
N PRO C 199 18.38 1.60 -21.67
CA PRO C 199 19.54 0.85 -21.19
C PRO C 199 20.85 1.63 -21.25
N ASP C 200 21.05 2.44 -22.30
CA ASP C 200 22.27 3.23 -22.42
C ASP C 200 22.17 4.57 -21.71
N THR C 201 21.05 4.87 -21.07
CA THR C 201 20.84 6.12 -20.34
C THR C 201 21.03 7.34 -21.23
N ARG C 202 20.65 7.22 -22.50
CA ARG C 202 20.71 8.33 -23.44
C ARG C 202 19.32 8.79 -23.92
N LEU C 203 18.27 8.06 -23.59
CA LEU C 203 16.93 8.36 -24.06
C LEU C 203 15.92 7.95 -23.01
N PHE C 204 14.70 8.47 -23.13
CA PHE C 204 13.63 8.06 -22.25
C PHE C 204 12.28 8.36 -22.91
N VAL C 205 11.26 7.61 -22.48
CA VAL C 205 9.92 7.67 -23.05
C VAL C 205 8.92 7.87 -21.92
N SER C 206 7.76 8.42 -22.27
CA SER C 206 6.74 8.75 -21.28
C SER C 206 5.35 8.66 -21.89
N GLY C 207 4.37 8.46 -21.03
CA GLY C 207 2.95 8.56 -21.40
C GLY C 207 2.29 9.61 -20.54
N ALA C 208 1.42 10.41 -21.15
CA ALA C 208 1.04 11.68 -20.52
C ALA C 208 -0.45 11.95 -20.62
N CYS C 209 -1.29 10.94 -20.39
CA CYS C 209 -2.74 11.14 -20.31
C CYS C 209 -3.26 11.91 -21.52
N ASP C 210 -2.71 11.60 -22.69
CA ASP C 210 -3.15 12.24 -23.93
C ASP C 210 -3.28 11.23 -25.06
N ALA C 211 -3.12 9.95 -24.77
CA ALA C 211 -3.00 8.92 -25.79
C ALA C 211 -1.82 9.20 -26.70
N SER C 212 -0.79 9.85 -26.16
CA SER C 212 0.37 10.29 -26.94
C SER C 212 1.62 10.00 -26.11
N ALA C 213 2.33 8.94 -26.47
CA ALA C 213 3.61 8.62 -25.85
C ALA C 213 4.72 9.26 -26.65
N LYS C 214 5.71 9.81 -25.95
CA LYS C 214 6.77 10.58 -26.59
C LYS C 214 8.14 10.04 -26.23
N LEU C 215 9.04 10.09 -27.21
CA LEU C 215 10.46 9.77 -27.04
C LEU C 215 11.26 11.05 -26.96
N TRP C 216 12.29 11.06 -26.12
CA TRP C 216 13.06 12.27 -25.89
C TRP C 216 14.55 11.97 -25.89
N ASP C 217 15.33 13.00 -26.22
CA ASP C 217 16.79 12.94 -26.17
C ASP C 217 17.26 13.68 -24.93
N VAL C 218 18.18 13.06 -24.19
CA VAL C 218 18.50 13.56 -22.85
C VAL C 218 19.56 14.67 -22.86
N ARG C 219 20.31 14.82 -23.94
CA ARG C 219 21.38 15.81 -24.00
C ARG C 219 20.97 17.06 -24.78
N GLU C 220 20.48 16.87 -26.01
CA GLU C 220 20.08 18.02 -26.83
C GLU C 220 18.90 18.75 -26.20
N GLY C 221 17.93 18.02 -25.67
CA GLY C 221 16.79 18.63 -25.02
C GLY C 221 15.62 18.89 -25.95
N MET C 222 15.17 17.85 -26.64
CA MET C 222 14.08 18.00 -27.60
C MET C 222 13.38 16.66 -27.77
N CYS C 223 12.07 16.73 -27.97
CA CYS C 223 11.28 15.53 -28.23
C CYS C 223 11.56 15.04 -29.64
N ARG C 224 11.93 13.77 -29.76
CA ARG C 224 12.24 13.23 -31.07
C ARG C 224 11.01 12.69 -31.78
N GLN C 225 10.21 11.86 -31.10
CA GLN C 225 9.05 11.25 -31.73
C GLN C 225 7.86 11.32 -30.78
N THR C 226 6.67 11.16 -31.36
CA THR C 226 5.43 11.06 -30.60
C THR C 226 4.59 9.96 -31.21
N PHE C 227 4.05 9.08 -30.36
CA PHE C 227 3.25 7.95 -30.80
C PHE C 227 1.84 8.11 -30.25
N THR C 228 0.84 7.84 -31.09
CA THR C 228 -0.55 8.18 -30.80
C THR C 228 -1.47 6.99 -31.05
N GLY C 229 -1.09 5.81 -30.55
CA GLY C 229 -1.92 4.64 -30.74
C GLY C 229 -3.09 4.55 -29.78
N HIS C 230 -2.96 5.10 -28.59
CA HIS C 230 -3.97 4.89 -27.57
C HIS C 230 -5.23 5.70 -27.87
N GLU C 231 -6.31 5.33 -27.17
CA GLU C 231 -7.58 6.05 -27.22
C GLU C 231 -8.01 6.53 -25.85
N SER C 232 -7.10 6.58 -24.89
CA SER C 232 -7.39 7.08 -23.56
C SER C 232 -6.06 7.47 -22.91
N ASP C 233 -6.07 7.67 -21.59
CA ASP C 233 -4.87 8.05 -20.88
C ASP C 233 -3.82 6.94 -20.95
N ILE C 234 -2.61 7.25 -20.49
CA ILE C 234 -1.51 6.28 -20.39
C ILE C 234 -1.04 6.27 -18.95
N ASN C 235 -0.83 5.07 -18.41
CA ASN C 235 -0.53 4.90 -16.99
C ASN C 235 0.88 4.41 -16.71
N ALA C 236 1.40 3.49 -17.52
CA ALA C 236 2.72 2.91 -17.26
C ALA C 236 3.49 2.76 -18.56
N ILE C 237 4.82 2.84 -18.45
CA ILE C 237 5.71 2.72 -19.60
C ILE C 237 7.03 2.12 -19.11
N CYS C 238 7.63 1.28 -19.96
CA CYS C 238 8.93 0.69 -19.67
C CYS C 238 9.62 0.31 -20.97
N PHE C 239 10.91 0.59 -21.05
CA PHE C 239 11.70 0.13 -22.18
C PHE C 239 11.84 -1.38 -22.22
N PHE C 240 11.74 -1.92 -23.43
CA PHE C 240 12.29 -3.21 -23.73
C PHE C 240 13.75 -3.23 -23.30
N PRO C 241 14.24 -4.36 -22.77
CA PRO C 241 15.65 -4.40 -22.34
C PRO C 241 16.64 -4.18 -23.47
N ASN C 242 16.19 -4.21 -24.73
CA ASN C 242 17.04 -3.79 -25.84
C ASN C 242 17.28 -2.29 -25.82
N GLY C 243 16.22 -1.51 -25.63
CA GLY C 243 16.30 -0.07 -25.71
C GLY C 243 15.78 0.54 -27.00
N ASN C 244 15.22 -0.27 -27.90
CA ASN C 244 14.65 0.22 -29.15
C ASN C 244 13.15 0.04 -29.21
N ALA C 245 12.49 -0.09 -28.07
CA ALA C 245 11.04 -0.26 -28.01
C ALA C 245 10.60 -0.01 -26.58
N PHE C 246 9.30 0.06 -26.39
CA PHE C 246 8.69 0.20 -25.07
C PHE C 246 7.23 -0.16 -25.18
N ALA C 247 6.58 -0.31 -24.02
CA ALA C 247 5.15 -0.60 -23.96
C ALA C 247 4.48 0.38 -23.02
N THR C 248 3.22 0.69 -23.32
CA THR C 248 2.44 1.66 -22.58
C THR C 248 1.20 1.01 -22.00
N GLY C 249 0.86 1.38 -20.77
CA GLY C 249 -0.35 0.91 -20.12
C GLY C 249 -1.36 2.04 -19.99
N SER C 250 -2.63 1.70 -20.16
CA SER C 250 -3.67 2.70 -20.35
C SER C 250 -4.92 2.34 -19.57
N ASP C 251 -5.79 3.34 -19.37
CA ASP C 251 -7.09 3.13 -18.76
C ASP C 251 -8.13 2.62 -19.74
N ASP C 252 -7.80 2.55 -21.03
CA ASP C 252 -8.73 1.98 -22.00
C ASP C 252 -8.67 0.47 -22.06
N ALA C 253 -8.12 -0.17 -21.02
CA ALA C 253 -8.09 -1.61 -20.89
C ALA C 253 -7.27 -2.27 -21.99
N THR C 254 -6.19 -1.60 -22.42
CA THR C 254 -5.28 -2.21 -23.37
C THR C 254 -3.87 -1.70 -23.12
N CYS C 255 -2.89 -2.54 -23.45
CA CYS C 255 -1.49 -2.16 -23.49
C CYS C 255 -1.01 -2.19 -24.94
N ARG C 256 -0.09 -1.30 -25.28
CA ARG C 256 0.40 -1.18 -26.64
C ARG C 256 1.91 -1.20 -26.65
N LEU C 257 2.48 -1.70 -27.75
CA LEU C 257 3.91 -1.83 -27.92
C LEU C 257 4.37 -0.92 -29.04
N PHE C 258 5.27 0.01 -28.73
CA PHE C 258 5.81 0.93 -29.72
C PHE C 258 7.27 0.59 -30.02
N ASP C 259 7.70 0.89 -31.24
CA ASP C 259 9.09 0.77 -31.65
C ASP C 259 9.62 2.16 -31.97
N LEU C 260 10.81 2.47 -31.44
CA LEU C 260 11.35 3.81 -31.57
C LEU C 260 11.69 4.15 -33.01
N ARG C 261 12.42 3.27 -33.69
CA ARG C 261 12.87 3.56 -35.04
C ARG C 261 11.72 3.50 -36.04
N ALA C 262 10.79 2.56 -35.85
CA ALA C 262 9.64 2.47 -36.73
C ALA C 262 8.62 3.57 -36.46
N ASP C 263 8.61 4.13 -35.25
CA ASP C 263 7.78 5.26 -34.86
C ASP C 263 6.29 4.91 -34.95
N GLN C 264 5.94 3.64 -34.77
CA GLN C 264 4.55 3.20 -34.89
C GLN C 264 4.12 2.38 -33.69
N GLU C 265 2.94 1.79 -33.81
CA GLU C 265 2.39 0.80 -32.91
C GLU C 265 2.73 -0.58 -33.45
N LEU C 266 2.95 -1.54 -32.54
CA LEU C 266 3.18 -2.91 -32.96
C LEU C 266 2.04 -3.84 -32.59
N MET C 267 1.76 -3.99 -31.29
CA MET C 267 0.72 -4.88 -30.78
C MET C 267 -0.14 -4.11 -29.79
N THR C 268 -1.37 -4.58 -29.61
CA THR C 268 -2.23 -4.12 -28.54
C THR C 268 -2.56 -5.30 -27.63
N TYR C 269 -2.64 -5.04 -26.33
CA TYR C 269 -2.76 -6.07 -25.32
C TYR C 269 -4.12 -5.93 -24.63
N SER C 270 -5.13 -6.56 -25.21
CA SER C 270 -6.47 -6.52 -24.64
C SER C 270 -7.25 -7.74 -25.11
N HIS C 271 -8.20 -8.16 -24.28
CA HIS C 271 -9.13 -9.23 -24.62
C HIS C 271 -10.52 -8.80 -24.15
N ASP C 272 -11.54 -9.36 -24.81
CA ASP C 272 -12.91 -8.90 -24.60
C ASP C 272 -13.35 -9.01 -23.15
N ASN C 273 -12.77 -9.94 -22.38
CA ASN C 273 -13.15 -10.09 -20.98
C ASN C 273 -12.53 -9.04 -20.08
N ILE C 274 -11.55 -8.29 -20.56
CA ILE C 274 -10.92 -7.24 -19.78
C ILE C 274 -11.69 -5.95 -20.01
N ILE C 275 -12.17 -5.36 -18.91
CA ILE C 275 -12.92 -4.11 -18.94
C ILE C 275 -12.14 -2.98 -18.28
N CYS C 276 -11.15 -3.30 -17.46
CA CYS C 276 -10.45 -2.32 -16.63
C CYS C 276 -9.06 -2.05 -17.17
N GLY C 277 -8.49 -0.92 -16.75
CA GLY C 277 -7.26 -0.43 -17.37
C GLY C 277 -6.00 -0.86 -16.64
N ILE C 278 -4.89 -0.85 -17.39
CA ILE C 278 -3.57 -1.22 -16.88
C ILE C 278 -2.97 -0.05 -16.11
N THR C 279 -2.27 -0.38 -15.03
CA THR C 279 -1.64 0.63 -14.18
C THR C 279 -0.16 0.44 -13.93
N SER C 280 0.42 -0.70 -14.31
CA SER C 280 1.84 -0.95 -14.07
C SER C 280 2.31 -2.01 -15.05
N VAL C 281 3.30 -1.65 -15.87
CA VAL C 281 3.86 -2.54 -16.86
C VAL C 281 5.34 -2.71 -16.55
N SER C 282 5.82 -3.94 -16.63
CA SER C 282 7.25 -4.22 -16.53
C SER C 282 7.57 -5.37 -17.47
N PHE C 283 8.71 -5.29 -18.14
CA PHE C 283 9.08 -6.29 -19.11
C PHE C 283 9.80 -7.43 -18.41
N SER C 284 10.26 -8.42 -19.17
CA SER C 284 11.16 -9.43 -18.66
C SER C 284 12.58 -9.04 -19.00
N LYS C 285 13.54 -9.61 -18.26
CA LYS C 285 14.94 -9.32 -18.53
C LYS C 285 15.31 -9.73 -19.94
N SER C 286 14.74 -10.83 -20.44
CA SER C 286 14.89 -11.19 -21.83
C SER C 286 13.83 -10.54 -22.72
N GLY C 287 12.82 -9.89 -22.13
CA GLY C 287 11.79 -9.21 -22.88
C GLY C 287 10.68 -10.10 -23.40
N ARG C 288 10.74 -11.41 -23.19
CA ARG C 288 9.72 -12.31 -23.72
C ARG C 288 8.44 -12.26 -22.89
N LEU C 289 8.55 -11.97 -21.60
CA LEU C 289 7.39 -11.88 -20.73
C LEU C 289 7.07 -10.42 -20.44
N LEU C 290 5.84 -10.02 -20.72
CA LEU C 290 5.36 -8.67 -20.44
C LEU C 290 4.33 -8.74 -19.32
N LEU C 291 4.79 -8.55 -18.10
CA LEU C 291 3.88 -8.47 -16.99
C LEU C 291 3.12 -7.14 -17.05
N ALA C 292 1.92 -7.15 -16.48
CA ALA C 292 1.08 -5.95 -16.49
C ALA C 292 0.16 -5.97 -15.30
N GLY C 293 0.11 -4.87 -14.55
CA GLY C 293 -0.84 -4.75 -13.46
C GLY C 293 -2.18 -4.20 -13.95
N TYR C 294 -3.25 -4.63 -13.31
CA TYR C 294 -4.60 -4.30 -13.75
C TYR C 294 -5.44 -3.85 -12.58
N ASP C 295 -6.58 -3.24 -12.91
CA ASP C 295 -7.54 -2.77 -11.91
C ASP C 295 -8.24 -3.92 -11.20
N ASP C 296 -8.46 -5.03 -11.90
CA ASP C 296 -9.30 -6.11 -11.38
C ASP C 296 -8.54 -7.00 -10.41
N PHE C 297 -7.88 -6.38 -9.43
CA PHE C 297 -7.38 -7.07 -8.26
C PHE C 297 -6.32 -8.12 -8.56
N ASN C 298 -5.82 -8.17 -9.79
CA ASN C 298 -4.85 -9.19 -10.17
C ASN C 298 -3.98 -8.69 -11.31
N CYS C 299 -2.81 -9.30 -11.42
CA CYS C 299 -1.87 -9.02 -12.51
C CYS C 299 -2.16 -9.95 -13.69
N ASN C 300 -1.40 -9.73 -14.76
CA ASN C 300 -1.36 -10.64 -15.89
C ASN C 300 0.04 -10.62 -16.47
N VAL C 301 0.42 -11.71 -17.11
CA VAL C 301 1.68 -11.79 -17.84
C VAL C 301 1.33 -12.05 -19.29
N TRP C 302 1.73 -11.13 -20.17
CA TRP C 302 1.53 -11.28 -21.60
C TRP C 302 2.85 -11.66 -22.24
N ASP C 303 2.84 -12.74 -23.01
CA ASP C 303 3.98 -12.98 -23.88
C ASP C 303 4.02 -11.85 -24.91
N ALA C 304 4.97 -10.93 -24.76
CA ALA C 304 4.95 -9.65 -25.46
C ALA C 304 5.08 -9.77 -26.97
N LEU C 305 5.15 -10.98 -27.51
CA LEU C 305 5.16 -11.17 -28.96
C LEU C 305 3.95 -11.93 -29.47
N LYS C 306 3.09 -12.45 -28.58
CA LYS C 306 1.83 -13.08 -28.97
C LYS C 306 0.61 -12.32 -28.48
N ALA C 307 0.78 -11.40 -27.53
CA ALA C 307 -0.34 -10.66 -26.94
C ALA C 307 -1.37 -11.60 -26.32
N ASP C 308 -0.92 -12.73 -25.78
CA ASP C 308 -1.79 -13.70 -25.14
C ASP C 308 -1.58 -13.65 -23.64
N ARG C 309 -2.52 -14.27 -22.92
CA ARG C 309 -2.46 -14.33 -21.46
C ARG C 309 -1.58 -15.51 -21.07
N ALA C 310 -0.30 -15.23 -20.89
CA ALA C 310 0.65 -16.27 -20.49
C ALA C 310 0.39 -16.79 -19.08
N GLY C 311 -0.32 -16.03 -18.26
CA GLY C 311 -0.59 -16.44 -16.89
C GLY C 311 -1.11 -15.28 -16.09
N VAL C 312 -1.54 -15.59 -14.88
CA VAL C 312 -2.17 -14.62 -13.99
C VAL C 312 -1.51 -14.71 -12.62
N LEU C 313 -1.09 -13.58 -12.10
CA LEU C 313 -0.57 -13.50 -10.73
C LEU C 313 -1.68 -13.14 -9.75
N ALA C 314 -2.77 -13.91 -9.79
CA ALA C 314 -3.97 -13.61 -9.01
C ALA C 314 -3.70 -13.97 -7.56
N GLY C 315 -3.21 -13.00 -6.79
CA GLY C 315 -2.94 -13.22 -5.39
C GLY C 315 -3.27 -12.03 -4.53
N HIS C 316 -3.81 -10.98 -5.13
CA HIS C 316 -4.03 -9.72 -4.43
C HIS C 316 -5.52 -9.48 -4.21
N ASP C 317 -5.81 -8.73 -3.14
CA ASP C 317 -7.19 -8.45 -2.74
C ASP C 317 -7.65 -7.04 -3.15
N ASN C 318 -6.83 -6.32 -3.91
CA ASN C 318 -7.20 -4.98 -4.37
C ASN C 318 -6.39 -4.68 -5.62
N ARG C 319 -6.53 -3.46 -6.14
CA ARG C 319 -5.87 -3.06 -7.39
C ARG C 319 -4.35 -3.15 -7.32
N VAL C 320 -3.75 -3.90 -8.23
CA VAL C 320 -2.29 -3.87 -8.37
C VAL C 320 -1.89 -2.45 -8.73
N SER C 321 -0.72 -2.03 -8.24
CA SER C 321 -0.30 -0.64 -8.43
C SER C 321 1.15 -0.54 -8.88
N CYS C 322 1.93 -1.60 -8.63
CA CYS C 322 3.35 -1.58 -8.94
C CYS C 322 3.79 -2.95 -9.44
N LEU C 323 4.92 -2.96 -10.14
CA LEU C 323 5.39 -4.17 -10.83
C LEU C 323 6.82 -3.94 -11.30
N GLY C 324 7.67 -4.95 -11.10
CA GLY C 324 9.07 -4.85 -11.51
C GLY C 324 9.82 -6.16 -11.54
N VAL C 325 10.81 -6.26 -12.42
CA VAL C 325 11.56 -7.49 -12.66
C VAL C 325 13.04 -7.22 -12.40
N THR C 326 13.70 -8.15 -11.71
CA THR C 326 15.11 -8.01 -11.36
C THR C 326 15.97 -7.83 -12.61
N ASP C 327 17.20 -7.36 -12.38
CA ASP C 327 18.18 -7.27 -13.46
C ASP C 327 18.76 -8.63 -13.83
N ASP C 328 18.48 -9.67 -13.05
CA ASP C 328 18.92 -11.02 -13.37
C ASP C 328 17.80 -11.89 -13.90
N GLY C 329 16.56 -11.40 -13.89
CA GLY C 329 15.44 -12.19 -14.36
C GLY C 329 14.98 -13.27 -13.41
N MET C 330 15.52 -13.29 -12.19
CA MET C 330 15.17 -14.35 -11.24
C MET C 330 13.72 -14.22 -10.81
N ALA C 331 13.31 -13.03 -10.39
CA ALA C 331 12.00 -12.86 -9.77
C ALA C 331 11.31 -11.61 -10.29
N VAL C 332 10.01 -11.51 -9.98
CA VAL C 332 9.20 -10.33 -10.24
C VAL C 332 8.38 -10.04 -8.99
N ALA C 333 8.22 -8.77 -8.67
CA ALA C 333 7.50 -8.34 -7.47
C ALA C 333 6.29 -7.51 -7.87
N THR C 334 5.16 -7.76 -7.22
CA THR C 334 3.91 -7.04 -7.46
C THR C 334 3.37 -6.55 -6.13
N GLY C 335 2.79 -5.36 -6.14
CA GLY C 335 2.14 -4.84 -4.96
C GLY C 335 0.84 -4.14 -5.26
N SER C 336 -0.26 -4.64 -4.69
CA SER C 336 -1.55 -4.01 -4.81
C SER C 336 -1.80 -3.19 -3.56
N TRP C 337 -2.91 -2.43 -3.55
CA TRP C 337 -3.14 -1.63 -2.37
C TRP C 337 -3.58 -2.45 -1.17
N ASP C 338 -3.56 -3.77 -1.26
CA ASP C 338 -3.81 -4.62 -0.10
C ASP C 338 -2.65 -4.65 0.86
N SER C 339 -1.70 -3.72 0.70
CA SER C 339 -0.58 -3.48 1.60
C SER C 339 0.45 -4.59 1.56
N PHE C 340 0.44 -5.42 0.53
CA PHE C 340 1.33 -6.57 0.44
C PHE C 340 2.13 -6.49 -0.85
N LEU C 341 3.41 -6.83 -0.78
CA LEU C 341 4.30 -6.82 -1.93
C LEU C 341 4.82 -8.24 -2.14
N LYS C 342 4.06 -9.03 -2.89
CA LYS C 342 4.45 -10.40 -3.15
C LYS C 342 5.65 -10.45 -4.09
N ILE C 343 6.46 -11.50 -3.93
CA ILE C 343 7.59 -11.77 -4.81
C ILE C 343 7.38 -13.13 -5.44
N TRP C 344 7.58 -13.20 -6.76
CA TRP C 344 7.14 -14.33 -7.54
C TRP C 344 8.34 -14.95 -8.26
N ASN C 345 8.28 -16.27 -8.44
CA ASN C 345 9.30 -17.00 -9.18
C ASN C 345 8.73 -18.33 -9.61
N GLY C 346 9.50 -19.06 -10.41
CA GLY C 346 9.08 -20.33 -10.96
C GLY C 346 9.20 -21.46 -9.97
N SER C 347 9.57 -22.63 -10.51
CA SER C 347 9.72 -23.84 -9.69
C SER C 347 10.57 -24.87 -10.43
N SER C 348 10.62 -26.09 -9.90
CA SER C 348 11.39 -27.19 -10.50
C SER C 348 12.84 -26.81 -10.74
N ALA D 10 1.21 31.85 -31.98
CA ALA D 10 2.50 31.44 -31.44
C ALA D 10 2.56 29.93 -31.28
N GLN D 11 1.58 29.37 -30.57
CA GLN D 11 1.53 27.93 -30.37
C GLN D 11 1.37 27.20 -31.70
N ALA D 12 0.62 27.80 -32.63
CA ALA D 12 0.44 27.17 -33.94
C ALA D 12 1.76 27.06 -34.68
N ARG D 13 2.55 28.13 -34.70
CA ARG D 13 3.83 28.10 -35.40
C ARG D 13 4.79 27.11 -34.75
N LYS D 14 4.85 27.08 -33.42
CA LYS D 14 5.72 26.13 -32.74
C LYS D 14 5.30 24.70 -33.01
N LEU D 15 3.99 24.44 -33.00
CA LEU D 15 3.50 23.10 -33.32
C LEU D 15 3.86 22.71 -34.75
N VAL D 16 3.72 23.65 -35.69
CA VAL D 16 4.07 23.38 -37.07
C VAL D 16 5.55 23.03 -37.19
N GLU D 17 6.40 23.80 -36.51
CA GLU D 17 7.83 23.53 -36.54
C GLU D 17 8.15 22.17 -35.94
N GLN D 18 7.47 21.82 -34.84
CA GLN D 18 7.72 20.52 -34.21
C GLN D 18 7.35 19.37 -35.12
N LEU D 19 6.18 19.42 -35.75
CA LEU D 19 5.83 18.38 -36.71
C LEU D 19 6.77 18.36 -37.90
N LYS D 20 7.22 19.53 -38.35
CA LYS D 20 8.16 19.57 -39.47
C LYS D 20 9.46 18.86 -39.10
N MET D 21 9.98 19.14 -37.91
CA MET D 21 11.21 18.49 -37.47
C MET D 21 11.00 16.98 -37.28
N GLU D 22 9.85 16.60 -36.71
CA GLU D 22 9.60 15.19 -36.44
C GLU D 22 9.29 14.39 -37.70
N ALA D 23 8.93 15.07 -38.79
CA ALA D 23 8.60 14.36 -40.02
C ALA D 23 9.81 13.98 -40.85
N ASN D 24 10.99 14.52 -40.54
CA ASN D 24 12.20 14.26 -41.31
C ASN D 24 13.00 13.08 -40.79
N ILE D 25 12.52 12.40 -39.74
CA ILE D 25 13.25 11.28 -39.18
C ILE D 25 13.15 10.08 -40.10
N ASP D 26 14.30 9.48 -40.41
CA ASP D 26 14.31 8.27 -41.20
C ASP D 26 13.62 7.13 -40.46
N ARG D 27 12.95 6.26 -41.21
CA ARG D 27 12.13 5.21 -40.62
C ARG D 27 12.46 3.89 -41.30
N ILE D 28 12.68 2.85 -40.51
CA ILE D 28 12.95 1.52 -41.00
C ILE D 28 11.64 0.75 -41.03
N LYS D 29 11.55 -0.21 -41.95
CA LYS D 29 10.35 -1.02 -42.06
C LYS D 29 10.07 -1.74 -40.75
N VAL D 30 8.78 -1.82 -40.40
CA VAL D 30 8.36 -2.41 -39.14
C VAL D 30 8.79 -3.87 -39.04
N SER D 31 8.95 -4.54 -40.18
CA SER D 31 9.41 -5.92 -40.17
C SER D 31 10.75 -6.04 -39.45
N LYS D 32 11.72 -5.20 -39.83
CA LYS D 32 13.01 -5.22 -39.15
C LYS D 32 12.90 -4.77 -37.71
N ALA D 33 12.03 -3.78 -37.45
CA ALA D 33 11.88 -3.24 -36.10
C ALA D 33 11.39 -4.31 -35.12
N ALA D 34 10.49 -5.18 -35.57
CA ALA D 34 10.03 -6.28 -34.73
C ALA D 34 10.96 -7.49 -34.77
N ALA D 35 11.63 -7.71 -35.90
CA ALA D 35 12.60 -8.80 -35.98
C ALA D 35 13.75 -8.58 -35.01
N ASP D 36 14.15 -7.32 -34.80
CA ASP D 36 15.18 -7.04 -33.82
C ASP D 36 14.77 -7.47 -32.43
N LEU D 37 13.52 -7.16 -32.03
CA LEU D 37 13.05 -7.55 -30.71
C LEU D 37 12.95 -9.06 -30.58
N MET D 38 12.45 -9.72 -31.62
CA MET D 38 12.37 -11.18 -31.59
C MET D 38 13.74 -11.81 -31.47
N ALA D 39 14.72 -11.31 -32.23
CA ALA D 39 16.08 -11.83 -32.15
C ALA D 39 16.69 -11.59 -30.78
N TYR D 40 16.45 -10.42 -30.20
CA TYR D 40 16.98 -10.15 -28.87
C TYR D 40 16.37 -11.08 -27.83
N CYS D 41 15.06 -11.34 -27.93
CA CYS D 41 14.44 -12.29 -27.01
C CYS D 41 15.01 -13.69 -27.18
N GLU D 42 15.17 -14.15 -28.42
CA GLU D 42 15.64 -15.50 -28.62
C GLU D 42 17.15 -15.63 -28.42
N ALA D 43 17.86 -14.53 -28.26
CA ALA D 43 19.29 -14.56 -27.97
C ALA D 43 19.61 -14.34 -26.50
N HIS D 44 18.60 -14.12 -25.65
CA HIS D 44 18.85 -13.96 -24.22
C HIS D 44 17.81 -14.69 -23.38
N ALA D 45 17.14 -15.69 -23.93
CA ALA D 45 16.09 -16.39 -23.19
C ALA D 45 16.68 -17.30 -22.13
N LYS D 46 17.74 -18.04 -22.47
CA LYS D 46 18.27 -19.05 -21.57
C LYS D 46 18.73 -18.46 -20.24
N GLU D 47 19.06 -17.17 -20.22
CA GLU D 47 19.43 -16.49 -19.00
C GLU D 47 18.27 -15.73 -18.37
N ASP D 48 17.04 -16.03 -18.78
CA ASP D 48 15.85 -15.45 -18.18
C ASP D 48 15.14 -16.50 -17.34
N PRO D 49 15.35 -16.50 -16.03
CA PRO D 49 14.74 -17.57 -15.19
C PRO D 49 13.23 -17.60 -15.27
N LEU D 50 12.57 -16.45 -15.34
CA LEU D 50 11.11 -16.43 -15.34
C LEU D 50 10.52 -17.08 -16.57
N LEU D 51 11.30 -17.22 -17.65
CA LEU D 51 10.84 -17.89 -18.85
C LEU D 51 11.10 -19.40 -18.79
N THR D 52 12.36 -19.78 -18.59
CA THR D 52 12.71 -21.17 -18.31
C THR D 52 13.20 -21.28 -16.87
N PRO D 53 12.50 -22.02 -16.02
CA PRO D 53 12.79 -21.94 -14.58
C PRO D 53 14.16 -22.51 -14.23
N VAL D 54 14.74 -21.96 -13.17
CA VAL D 54 16.04 -22.39 -12.65
C VAL D 54 15.87 -23.66 -11.84
N PRO D 55 16.91 -24.47 -11.68
CA PRO D 55 16.82 -25.61 -10.75
C PRO D 55 16.65 -25.13 -9.32
N ALA D 56 15.96 -25.95 -8.52
CA ALA D 56 15.61 -25.54 -7.16
C ALA D 56 16.84 -25.27 -6.30
N SER D 57 17.90 -26.05 -6.49
CA SER D 57 19.11 -25.85 -5.71
C SER D 57 19.70 -24.47 -5.95
N GLU D 58 19.77 -24.05 -7.22
CA GLU D 58 20.22 -22.71 -7.55
C GLU D 58 19.13 -21.66 -7.34
N ASN D 59 17.88 -22.07 -7.18
CA ASN D 59 16.82 -21.13 -6.87
C ASN D 59 17.01 -20.64 -5.44
N PRO D 60 17.24 -19.35 -5.22
CA PRO D 60 17.55 -18.84 -3.88
C PRO D 60 16.36 -18.31 -3.11
N PHE D 61 15.14 -18.49 -3.62
CA PHE D 61 13.93 -18.10 -2.89
C PHE D 61 13.30 -19.28 -2.17
N ARG D 62 13.95 -20.44 -2.16
CA ARG D 62 13.43 -21.62 -1.49
C ARG D 62 14.55 -22.60 -1.21
N GLN E 27 -14.14 16.52 -34.46
CA GLN E 27 -14.33 17.42 -35.59
C GLN E 27 -15.75 17.96 -35.64
N GLU E 28 -16.04 18.96 -34.83
CA GLU E 28 -17.35 19.59 -34.85
C GLU E 28 -17.56 20.32 -36.17
N SER E 29 -18.79 20.26 -36.68
CA SER E 29 -19.12 20.91 -37.95
C SER E 29 -20.63 21.09 -38.06
N GLY E 30 -21.04 22.15 -38.74
CA GLY E 30 -22.44 22.36 -39.05
C GLY E 30 -23.06 23.63 -38.51
N GLY E 31 -22.26 24.68 -38.32
CA GLY E 31 -22.75 25.95 -37.83
C GLY E 31 -22.92 26.99 -38.93
N GLY E 32 -23.31 28.18 -38.51
CA GLY E 32 -23.49 29.28 -39.42
C GLY E 32 -24.45 30.30 -38.85
N LEU E 33 -24.90 31.20 -39.73
CA LEU E 33 -25.82 32.26 -39.33
C LEU E 33 -27.22 31.72 -39.10
N VAL E 34 -27.93 32.37 -38.18
CA VAL E 34 -29.33 32.04 -37.91
C VAL E 34 -29.95 33.21 -37.15
N GLN E 35 -31.22 33.47 -37.43
CA GLN E 35 -31.96 34.52 -36.75
C GLN E 35 -32.56 34.00 -35.45
N PRO E 36 -32.93 34.89 -34.53
CA PRO E 36 -33.55 34.44 -33.27
C PRO E 36 -34.82 33.63 -33.54
N GLY E 37 -34.87 32.44 -32.96
CA GLY E 37 -35.96 31.52 -33.21
C GLY E 37 -35.76 30.60 -34.40
N GLY E 38 -34.59 30.60 -35.02
CA GLY E 38 -34.32 29.75 -36.16
C GLY E 38 -33.99 28.32 -35.74
N SER E 39 -33.57 27.54 -36.73
CA SER E 39 -33.25 26.13 -36.52
C SER E 39 -31.89 25.80 -37.13
N LEU E 40 -31.18 24.87 -36.51
CA LEU E 40 -29.86 24.45 -36.96
C LEU E 40 -29.64 23.01 -36.54
N ARG E 41 -28.50 22.46 -36.97
CA ARG E 41 -28.08 21.12 -36.60
C ARG E 41 -26.57 21.09 -36.46
N LEU E 42 -26.11 20.48 -35.37
CA LEU E 42 -24.68 20.42 -35.06
C LEU E 42 -24.21 18.97 -35.15
N SER E 43 -23.14 18.75 -35.90
CA SER E 43 -22.61 17.41 -36.13
C SER E 43 -21.18 17.32 -35.59
N CYS E 44 -20.81 16.10 -35.16
CA CYS E 44 -19.50 15.83 -34.57
C CYS E 44 -18.99 14.51 -35.16
N ALA E 45 -18.19 14.61 -36.22
CA ALA E 45 -17.62 13.43 -36.85
C ALA E 45 -16.49 12.90 -35.98
N ALA E 46 -16.58 11.65 -35.54
CA ALA E 46 -15.63 11.05 -34.63
C ALA E 46 -15.01 9.81 -35.27
N SER E 47 -13.70 9.64 -35.07
CA SER E 47 -13.01 8.46 -35.56
C SER E 47 -11.82 8.17 -34.67
N GLY E 48 -11.43 6.90 -34.62
CA GLY E 48 -10.22 6.48 -33.96
C GLY E 48 -10.36 6.12 -32.49
N PHE E 49 -11.52 6.36 -31.88
CA PHE E 49 -11.68 6.14 -30.45
C PHE E 49 -13.03 5.51 -30.11
N THR E 50 -13.50 4.60 -30.99
CA THR E 50 -14.65 3.73 -30.76
C THR E 50 -15.85 4.45 -30.13
N PHE E 51 -16.43 5.38 -30.90
CA PHE E 51 -17.54 6.22 -30.45
C PHE E 51 -18.54 5.53 -29.54
N SER E 52 -18.91 4.29 -29.87
CA SER E 52 -20.04 3.58 -29.24
C SER E 52 -19.80 3.20 -27.79
N ASN E 53 -18.73 3.67 -27.15
CA ASN E 53 -18.39 3.24 -25.80
C ASN E 53 -18.36 4.37 -24.79
N TYR E 54 -18.23 5.62 -25.23
CA TYR E 54 -17.97 6.73 -24.33
C TYR E 54 -19.21 7.59 -24.14
N LYS E 55 -19.33 8.17 -22.97
CA LYS E 55 -20.43 9.08 -22.64
C LYS E 55 -20.13 10.45 -23.26
N MET E 56 -20.62 10.66 -24.48
CA MET E 56 -20.33 11.90 -25.19
C MET E 56 -21.02 13.09 -24.53
N ASN E 57 -20.60 14.29 -24.93
CA ASN E 57 -21.05 15.53 -24.31
C ASN E 57 -21.23 16.60 -25.37
N TRP E 58 -21.72 17.75 -24.94
CA TRP E 58 -21.70 18.99 -25.71
C TRP E 58 -21.42 20.12 -24.73
N VAL E 59 -20.39 20.91 -25.00
CA VAL E 59 -19.99 21.98 -24.11
C VAL E 59 -19.76 23.23 -24.94
N ARG E 60 -20.09 24.38 -24.35
CA ARG E 60 -20.27 25.63 -25.08
C ARG E 60 -19.41 26.73 -24.47
N GLN E 61 -18.74 27.50 -25.32
CA GLN E 61 -17.93 28.64 -24.90
C GLN E 61 -18.39 29.88 -25.67
N ALA E 62 -19.31 30.64 -25.09
CA ALA E 62 -19.69 31.92 -25.66
C ALA E 62 -18.55 32.92 -25.51
N PRO E 63 -18.39 33.82 -26.48
CA PRO E 63 -17.31 34.80 -26.39
C PRO E 63 -17.43 35.66 -25.13
N GLY E 64 -16.30 35.85 -24.46
CA GLY E 64 -16.29 36.60 -23.22
C GLY E 64 -16.74 35.82 -22.01
N LYS E 65 -17.12 34.55 -22.19
CA LYS E 65 -17.65 33.72 -21.14
C LYS E 65 -16.86 32.41 -21.10
N GLY E 66 -16.90 31.74 -19.96
CA GLY E 66 -16.12 30.53 -19.79
C GLY E 66 -16.64 29.34 -20.58
N LEU E 67 -16.27 28.13 -20.14
CA LEU E 67 -16.58 26.91 -20.86
C LEU E 67 -17.56 26.11 -20.00
N GLU E 68 -18.82 26.04 -20.43
CA GLU E 68 -19.87 25.41 -19.66
C GLU E 68 -20.61 24.36 -20.48
N TRP E 69 -20.93 23.26 -19.83
CA TRP E 69 -21.55 22.09 -20.46
C TRP E 69 -23.02 22.38 -20.78
N VAL E 70 -23.56 21.69 -21.79
CA VAL E 70 -24.98 21.82 -22.10
C VAL E 70 -25.71 20.48 -22.09
N SER E 71 -25.31 19.53 -22.92
CA SER E 71 -26.05 18.28 -23.08
C SER E 71 -25.13 17.09 -22.87
N ASP E 72 -25.75 15.92 -22.79
CA ASP E 72 -25.05 14.70 -22.37
C ASP E 72 -25.85 13.50 -22.86
N ILE E 73 -25.14 12.39 -23.07
CA ILE E 73 -25.78 11.18 -23.55
C ILE E 73 -24.88 9.99 -23.20
N SER E 74 -25.50 8.89 -22.80
CA SER E 74 -24.77 7.68 -22.45
C SER E 74 -24.43 6.89 -23.71
N GLN E 75 -23.97 5.66 -23.54
CA GLN E 75 -23.54 4.88 -24.70
C GLN E 75 -24.71 4.37 -25.52
N SER E 76 -25.82 4.03 -24.87
CA SER E 76 -26.99 3.50 -25.57
C SER E 76 -28.02 4.56 -25.89
N GLY E 77 -27.73 5.83 -25.58
CA GLY E 77 -28.72 6.87 -25.78
C GLY E 77 -29.86 6.85 -24.79
N ALA E 78 -29.63 6.28 -23.60
CA ALA E 78 -30.70 6.13 -22.62
C ALA E 78 -30.81 7.35 -21.71
N SER E 79 -29.73 7.68 -21.01
CA SER E 79 -29.73 8.81 -20.08
C SER E 79 -29.39 10.09 -20.85
N ILE E 80 -30.17 11.13 -20.61
CA ILE E 80 -30.01 12.41 -21.29
C ILE E 80 -30.09 13.51 -20.23
N SER E 81 -29.26 14.54 -20.39
CA SER E 81 -29.30 15.65 -19.45
C SER E 81 -29.16 16.97 -20.19
N TYR E 82 -29.88 17.98 -19.71
CA TYR E 82 -29.87 19.34 -20.22
C TYR E 82 -29.44 20.28 -19.10
N THR E 83 -29.12 21.52 -19.45
CA THR E 83 -28.68 22.48 -18.46
C THR E 83 -29.76 23.48 -18.06
N GLY E 84 -31.01 23.25 -18.45
CA GLY E 84 -32.07 24.19 -18.11
C GLY E 84 -32.19 25.35 -19.05
N SER E 85 -31.07 26.04 -19.30
CA SER E 85 -31.05 27.09 -20.32
C SER E 85 -31.31 26.51 -21.70
N VAL E 86 -31.03 25.23 -21.91
CA VAL E 86 -31.29 24.54 -23.16
C VAL E 86 -32.33 23.44 -22.98
N LYS E 87 -33.17 23.55 -21.95
CA LYS E 87 -34.00 22.43 -21.54
C LYS E 87 -35.15 22.15 -22.50
N GLY E 88 -35.70 23.17 -23.13
CA GLY E 88 -36.87 22.95 -23.96
C GLY E 88 -36.62 22.79 -25.45
N ARG E 89 -35.45 23.25 -25.92
CA ARG E 89 -35.21 23.35 -27.36
C ARG E 89 -34.25 22.28 -27.87
N PHE E 90 -33.05 22.19 -27.32
CA PHE E 90 -31.98 21.45 -27.95
C PHE E 90 -32.16 19.97 -27.69
N THR E 91 -32.35 19.19 -28.75
CA THR E 91 -32.61 17.77 -28.65
C THR E 91 -31.34 17.03 -29.08
N ILE E 92 -30.69 16.36 -28.13
CA ILE E 92 -29.49 15.61 -28.44
C ILE E 92 -29.86 14.28 -29.06
N SER E 93 -29.00 13.83 -29.98
CA SER E 93 -29.11 12.51 -30.59
C SER E 93 -27.71 11.92 -30.69
N ARG E 94 -27.64 10.69 -31.19
CA ARG E 94 -26.36 10.00 -31.28
C ARG E 94 -26.49 8.77 -32.17
N ASP E 95 -25.61 8.63 -33.15
CA ASP E 95 -25.66 7.54 -34.10
C ASP E 95 -24.36 6.74 -33.99
N ASN E 96 -24.37 5.72 -33.13
CA ASN E 96 -23.17 4.92 -32.92
C ASN E 96 -22.78 4.13 -34.16
N ALA E 97 -23.71 3.94 -35.11
CA ALA E 97 -23.39 3.20 -36.31
C ALA E 97 -22.50 4.02 -37.25
N LYS E 98 -22.82 5.30 -37.42
CA LYS E 98 -22.04 6.19 -38.27
C LYS E 98 -20.98 6.96 -37.50
N ASN E 99 -20.89 6.76 -36.19
CA ASN E 99 -19.89 7.43 -35.34
C ASN E 99 -20.00 8.95 -35.46
N THR E 100 -21.17 9.46 -35.10
CA THR E 100 -21.41 10.89 -35.17
C THR E 100 -22.32 11.32 -34.04
N LEU E 101 -22.01 12.45 -33.41
CA LEU E 101 -22.79 13.01 -32.33
C LEU E 101 -23.52 14.25 -32.82
N TYR E 102 -24.81 14.33 -32.55
CA TYR E 102 -25.65 15.40 -33.03
C TYR E 102 -26.21 16.21 -31.86
N LEU E 103 -26.65 17.43 -32.18
CA LEU E 103 -27.32 18.31 -31.21
C LEU E 103 -28.28 19.18 -32.02
N GLN E 104 -29.59 18.92 -31.87
CA GLN E 104 -30.59 19.58 -32.69
C GLN E 104 -30.92 20.97 -32.14
N MET E 105 -30.96 21.96 -33.03
CA MET E 105 -31.30 23.33 -32.68
C MET E 105 -32.71 23.60 -33.15
N ASN E 106 -33.53 24.22 -32.30
CA ASN E 106 -34.91 24.47 -32.66
C ASN E 106 -35.36 25.92 -32.52
N SER E 107 -34.96 26.62 -31.46
CA SER E 107 -35.40 27.98 -31.19
C SER E 107 -34.25 28.84 -30.69
N LEU E 108 -33.13 28.84 -31.42
CA LEU E 108 -31.92 29.49 -30.95
C LEU E 108 -32.18 30.93 -30.57
N LYS E 109 -32.03 31.24 -29.29
CA LYS E 109 -32.21 32.60 -28.81
C LYS E 109 -30.94 33.41 -29.06
N PRO E 110 -31.06 34.73 -29.14
CA PRO E 110 -29.89 35.55 -29.51
C PRO E 110 -28.68 35.37 -28.61
N GLU E 111 -28.89 35.05 -27.33
CA GLU E 111 -27.79 34.92 -26.37
C GLU E 111 -27.26 33.50 -26.27
N ASP E 112 -27.33 32.72 -27.35
CA ASP E 112 -26.79 31.37 -27.40
C ASP E 112 -25.79 31.22 -28.54
N THR E 113 -24.94 32.23 -28.72
CA THR E 113 -23.92 32.23 -29.76
C THR E 113 -22.58 31.78 -29.17
N ALA E 114 -21.91 30.85 -29.86
CA ALA E 114 -20.65 30.32 -29.38
C ALA E 114 -20.00 29.37 -30.37
N VAL E 115 -18.80 28.89 -30.03
CA VAL E 115 -18.15 27.77 -30.72
C VAL E 115 -18.49 26.51 -29.96
N TYR E 116 -19.10 25.54 -30.64
CA TYR E 116 -19.63 24.34 -29.99
C TYR E 116 -18.57 23.24 -30.05
N TYR E 117 -17.98 22.94 -28.90
CA TYR E 117 -17.03 21.84 -28.76
C TYR E 117 -17.76 20.52 -28.59
N CYS E 118 -17.02 19.44 -28.74
CA CYS E 118 -17.57 18.08 -28.71
C CYS E 118 -16.75 17.28 -27.71
N ALA E 119 -17.15 17.34 -26.45
CA ALA E 119 -16.39 16.72 -25.38
C ALA E 119 -16.67 15.22 -25.31
N ARG E 120 -15.62 14.43 -25.09
CA ARG E 120 -15.72 12.99 -24.95
C ARG E 120 -15.23 12.57 -23.57
N CYS E 121 -15.82 11.50 -23.05
CA CYS E 121 -15.57 11.08 -21.70
C CYS E 121 -14.18 10.43 -21.59
N PRO E 122 -13.48 10.63 -20.47
CA PRO E 122 -12.11 10.11 -20.35
C PRO E 122 -11.97 8.60 -20.48
N ALA E 123 -12.66 7.85 -19.63
CA ALA E 123 -12.43 6.43 -19.49
C ALA E 123 -13.57 5.63 -20.09
N PRO E 124 -13.28 4.58 -20.86
CA PRO E 124 -14.35 3.75 -21.40
C PRO E 124 -14.98 2.89 -20.33
N PHE E 125 -16.17 2.38 -20.63
CA PHE E 125 -16.90 1.49 -19.74
C PHE E 125 -17.12 2.12 -18.37
N THR E 126 -17.38 3.43 -18.35
CA THR E 126 -17.54 4.14 -17.11
C THR E 126 -18.73 5.09 -17.23
N ARG E 127 -19.31 5.43 -16.08
CA ARG E 127 -20.41 6.38 -16.00
C ARG E 127 -19.98 7.71 -15.43
N ASP E 128 -18.68 7.96 -15.32
CA ASP E 128 -18.15 9.21 -14.80
C ASP E 128 -17.35 9.96 -15.87
N CYS E 129 -17.61 11.25 -16.00
CA CYS E 129 -16.89 12.12 -16.92
C CYS E 129 -16.37 13.30 -16.11
N PHE E 130 -15.05 13.32 -15.85
CA PHE E 130 -14.49 14.32 -14.95
C PHE E 130 -14.22 15.66 -15.62
N ASP E 131 -13.33 15.67 -16.62
CA ASP E 131 -12.65 16.90 -17.02
C ASP E 131 -13.06 17.39 -18.41
N VAL E 132 -14.26 17.05 -18.88
CA VAL E 132 -14.66 17.42 -20.23
C VAL E 132 -14.80 18.92 -20.41
N THR E 133 -14.69 19.72 -19.35
CA THR E 133 -14.77 21.17 -19.43
C THR E 133 -13.44 21.85 -19.11
N SER E 134 -12.33 21.12 -19.24
CA SER E 134 -11.03 21.70 -18.92
C SER E 134 -10.60 22.69 -19.99
N THR E 135 -9.72 23.61 -19.60
CA THR E 135 -9.19 24.57 -20.54
C THR E 135 -8.36 23.89 -21.63
N THR E 136 -7.55 22.91 -21.24
CA THR E 136 -6.73 22.13 -22.17
C THR E 136 -7.04 20.67 -21.93
N TYR E 137 -7.95 20.12 -22.73
CA TYR E 137 -8.43 18.76 -22.57
C TYR E 137 -8.13 17.98 -23.83
N ALA E 138 -7.64 16.75 -23.66
CA ALA E 138 -7.09 16.01 -24.80
C ALA E 138 -8.16 15.63 -25.81
N TYR E 139 -9.36 15.28 -25.36
CA TYR E 139 -10.35 14.60 -26.20
C TYR E 139 -11.50 15.55 -26.49
N ARG E 140 -11.36 16.33 -27.55
CA ARG E 140 -12.26 17.44 -27.82
C ARG E 140 -12.04 17.95 -29.24
N GLY E 141 -13.12 18.25 -29.95
CA GLY E 141 -13.00 18.67 -31.32
C GLY E 141 -12.50 20.10 -31.44
N GLN E 142 -12.23 20.49 -32.69
CA GLN E 142 -11.80 21.85 -32.94
C GLN E 142 -12.90 22.85 -32.61
N GLY E 143 -14.14 22.52 -32.92
CA GLY E 143 -15.29 23.35 -32.59
C GLY E 143 -16.03 23.83 -33.82
N THR E 144 -17.14 24.50 -33.55
CA THR E 144 -17.99 25.07 -34.59
C THR E 144 -18.60 26.36 -34.08
N GLN E 145 -18.22 27.48 -34.67
CA GLN E 145 -18.75 28.78 -34.27
C GLN E 145 -20.16 28.94 -34.79
N VAL E 146 -21.10 29.20 -33.88
CA VAL E 146 -22.51 29.36 -34.22
C VAL E 146 -22.95 30.72 -33.71
N THR E 147 -23.40 31.59 -34.62
CA THR E 147 -23.74 32.96 -34.29
C THR E 147 -25.21 33.22 -34.58
N VAL E 148 -25.87 33.91 -33.65
CA VAL E 148 -27.29 34.21 -33.73
C VAL E 148 -27.45 35.72 -33.65
N SER E 149 -28.17 36.29 -34.62
CA SER E 149 -28.41 37.73 -34.65
C SER E 149 -29.29 38.17 -33.50
N VAL F 39 32.01 10.06 12.69
CA VAL F 39 32.13 8.84 13.48
C VAL F 39 33.23 9.03 14.52
N GLN F 40 32.91 8.75 15.78
CA GLN F 40 33.87 8.95 16.85
C GLN F 40 33.48 8.05 18.02
N LEU F 41 34.31 7.07 18.31
CA LEU F 41 34.12 6.19 19.47
C LEU F 41 35.28 6.48 20.43
N VAL F 42 34.99 7.27 21.46
CA VAL F 42 35.97 7.61 22.48
C VAL F 42 35.53 6.98 23.81
N GLU F 43 36.48 6.43 24.54
CA GLU F 43 36.17 5.75 25.79
C GLU F 43 37.38 5.76 26.70
N SER F 44 37.14 5.48 27.98
CA SER F 44 38.17 5.42 29.00
C SER F 44 37.63 4.58 30.17
N GLY F 45 38.31 4.65 31.31
CA GLY F 45 37.83 4.00 32.50
C GLY F 45 38.86 3.18 33.24
N GLY F 46 39.79 2.57 32.52
CA GLY F 46 40.80 1.75 33.13
C GLY F 46 41.83 2.58 33.89
N GLY F 47 42.82 1.87 34.42
CA GLY F 47 43.90 2.54 35.13
C GLY F 47 44.28 1.93 36.46
N LEU F 48 44.13 2.70 37.54
CA LEU F 48 44.59 2.29 38.86
C LEU F 48 43.40 1.94 39.73
N VAL F 49 43.40 0.72 40.25
CA VAL F 49 42.36 0.25 41.17
C VAL F 49 42.98 -0.84 42.03
N GLN F 50 42.35 -1.12 43.17
CA GLN F 50 42.88 -2.13 44.07
C GLN F 50 42.86 -3.49 43.39
N PRO F 51 43.99 -4.20 43.35
CA PRO F 51 44.03 -5.48 42.62
C PRO F 51 42.99 -6.47 43.13
N GLY F 52 42.41 -7.22 42.20
CA GLY F 52 41.30 -8.09 42.51
C GLY F 52 39.96 -7.40 42.59
N GLY F 53 39.85 -6.17 42.09
CA GLY F 53 38.61 -5.43 42.17
C GLY F 53 37.88 -5.30 40.85
N SER F 54 36.96 -4.33 40.77
CA SER F 54 36.05 -4.20 39.65
C SER F 54 36.22 -2.84 39.00
N ARG F 55 36.07 -2.81 37.68
CA ARG F 55 36.21 -1.59 36.91
C ARG F 55 35.26 -1.62 35.73
N LYS F 56 34.50 -0.55 35.55
CA LYS F 56 33.49 -0.47 34.51
C LYS F 56 34.02 0.33 33.33
N LEU F 57 33.96 -0.28 32.14
CA LEU F 57 34.42 0.35 30.91
C LEU F 57 33.22 0.83 30.11
N SER F 58 33.28 2.07 29.64
CA SER F 58 32.21 2.68 28.88
C SER F 58 32.62 2.85 27.43
N CYS F 59 31.75 3.48 26.64
CA CYS F 59 32.06 3.82 25.25
C CYS F 59 31.19 5.02 24.88
N SER F 60 31.79 6.21 24.86
CA SER F 60 31.06 7.45 24.59
C SER F 60 30.97 7.64 23.08
N ALA F 61 30.04 6.89 22.49
CA ALA F 61 29.84 6.97 21.04
C ALA F 61 29.31 8.34 20.65
N SER F 62 29.77 8.85 19.51
CA SER F 62 29.38 10.16 19.04
C SER F 62 29.55 10.24 17.53
N GLY F 63 28.52 10.72 16.85
CA GLY F 63 28.60 11.03 15.44
C GLY F 63 27.90 10.08 14.51
N PHE F 64 27.12 9.14 15.03
CA PHE F 64 26.48 8.13 14.21
C PHE F 64 25.21 7.62 14.89
N ALA F 65 24.39 6.93 14.10
CA ALA F 65 23.13 6.40 14.59
C ALA F 65 23.38 5.19 15.49
N PHE F 66 23.61 5.46 16.77
CA PHE F 66 24.06 4.41 17.69
C PHE F 66 23.03 3.30 17.83
N SER F 67 21.75 3.67 17.89
CA SER F 67 20.68 2.72 18.21
C SER F 67 20.53 1.62 17.16
N SER F 68 21.11 1.78 15.98
CA SER F 68 21.01 0.77 14.94
C SER F 68 22.28 -0.07 14.78
N PHE F 69 23.30 0.15 15.60
CA PHE F 69 24.58 -0.52 15.45
C PHE F 69 24.80 -1.56 16.54
N GLY F 70 25.58 -2.59 16.20
CA GLY F 70 26.00 -3.60 17.17
C GLY F 70 27.35 -3.21 17.75
N MET F 71 27.48 -3.36 19.06
CA MET F 71 28.64 -2.91 19.81
C MET F 71 29.41 -4.11 20.34
N HIS F 72 30.61 -4.33 19.80
CA HIS F 72 31.51 -5.38 20.28
C HIS F 72 32.47 -4.81 21.30
N TRP F 73 33.43 -5.64 21.71
CA TRP F 73 34.57 -5.19 22.50
C TRP F 73 35.74 -6.10 22.18
N VAL F 74 36.95 -5.54 22.19
CA VAL F 74 38.18 -6.28 21.91
C VAL F 74 39.28 -5.73 22.80
N ARG F 75 40.13 -6.60 23.32
CA ARG F 75 41.33 -6.17 24.04
C ARG F 75 42.58 -6.62 23.30
N GLN F 76 43.73 -6.16 23.79
CA GLN F 76 45.01 -6.45 23.16
C GLN F 76 46.04 -6.76 24.22
N ALA F 77 46.68 -7.91 24.10
CA ALA F 77 47.78 -8.24 25.00
C ALA F 77 48.90 -7.22 24.80
N PRO F 78 49.56 -6.78 25.87
CA PRO F 78 50.46 -5.62 25.75
C PRO F 78 51.58 -5.82 24.74
N GLU F 79 51.99 -7.06 24.48
CA GLU F 79 52.98 -7.34 23.45
C GLU F 79 52.47 -8.28 22.38
N LYS F 80 51.30 -8.89 22.55
CA LYS F 80 50.78 -9.88 21.63
C LYS F 80 49.52 -9.35 20.95
N GLY F 81 48.88 -10.22 20.16
CA GLY F 81 47.71 -9.85 19.41
C GLY F 81 46.49 -9.60 20.28
N LEU F 82 45.35 -9.51 19.61
CA LEU F 82 44.07 -9.18 20.20
C LEU F 82 43.37 -10.44 20.73
N GLU F 83 42.31 -10.24 21.51
CA GLU F 83 41.37 -11.33 21.80
C GLU F 83 40.03 -10.71 22.16
N TRP F 84 38.95 -11.34 21.71
CA TRP F 84 37.61 -10.78 21.80
C TRP F 84 37.29 -10.53 23.28
N VAL F 85 36.34 -9.64 23.56
CA VAL F 85 35.88 -9.45 24.92
C VAL F 85 34.40 -9.79 25.08
N ALA F 86 33.52 -9.03 24.42
CA ALA F 86 32.08 -9.17 24.64
C ALA F 86 31.32 -8.69 23.40
N TYR F 87 29.99 -8.71 23.49
CA TYR F 87 29.15 -8.36 22.34
C TYR F 87 27.75 -8.06 22.83
N ILE F 88 27.24 -6.89 22.48
CA ILE F 88 25.83 -6.54 22.63
C ILE F 88 25.29 -6.15 21.27
N SER F 89 24.14 -6.70 20.90
CA SER F 89 23.57 -6.51 19.58
C SER F 89 22.54 -5.40 19.57
N SER F 90 22.11 -5.05 18.36
CA SER F 90 21.04 -4.06 18.20
C SER F 90 19.78 -4.55 18.89
N GLY F 91 19.13 -3.65 19.63
CA GLY F 91 17.95 -4.01 20.39
C GLY F 91 18.21 -4.64 21.73
N SER F 92 19.48 -4.86 22.09
CA SER F 92 19.87 -5.44 23.38
C SER F 92 19.18 -6.77 23.64
N GLY F 93 19.04 -7.57 22.59
CA GLY F 93 18.44 -8.88 22.72
C GLY F 93 19.45 -10.02 22.70
N THR F 94 20.42 -9.95 21.79
CA THR F 94 21.44 -10.98 21.66
C THR F 94 22.70 -10.51 22.37
N ILE F 95 23.18 -11.31 23.31
CA ILE F 95 24.44 -11.04 24.00
C ILE F 95 25.26 -12.31 24.03
N TYR F 96 26.44 -12.28 23.42
CA TYR F 96 27.41 -13.36 23.48
C TYR F 96 28.65 -12.88 24.20
N TYR F 97 29.41 -13.82 24.77
CA TYR F 97 30.53 -13.47 25.62
C TYR F 97 31.76 -14.26 25.22
N ALA F 98 32.88 -13.92 25.86
CA ALA F 98 34.13 -14.64 25.66
C ALA F 98 34.18 -15.84 26.60
N ASP F 99 34.37 -17.03 26.03
CA ASP F 99 34.30 -18.26 26.82
C ASP F 99 35.27 -18.25 28.00
N THR F 100 36.40 -17.56 27.87
CA THR F 100 37.36 -17.52 28.97
C THR F 100 36.78 -16.83 30.19
N VAL F 101 35.99 -15.79 29.98
CA VAL F 101 35.39 -15.03 31.06
C VAL F 101 33.89 -14.86 30.87
N LYS F 102 33.25 -15.82 30.20
CA LYS F 102 31.83 -15.71 29.90
C LYS F 102 30.99 -15.55 31.15
N GLY F 103 31.26 -16.35 32.17
CA GLY F 103 30.37 -16.35 33.32
C GLY F 103 30.49 -15.14 34.21
N ARG F 104 31.41 -14.20 33.94
CA ARG F 104 31.66 -13.17 34.91
C ARG F 104 31.80 -11.76 34.32
N PHE F 105 32.02 -11.62 33.02
CA PHE F 105 31.92 -10.31 32.39
C PHE F 105 30.46 -9.91 32.26
N THR F 106 30.21 -8.60 32.25
CA THR F 106 28.85 -8.07 32.20
C THR F 106 28.79 -6.92 31.20
N ILE F 107 28.24 -7.20 30.01
CA ILE F 107 28.05 -6.14 29.02
C ILE F 107 26.69 -5.46 29.24
N SER F 108 26.57 -4.24 28.72
CA SER F 108 25.33 -3.47 28.80
C SER F 108 25.39 -2.34 27.79
N ARG F 109 24.23 -1.74 27.54
CA ARG F 109 24.15 -0.61 26.62
C ARG F 109 22.95 0.26 26.97
N ASP F 110 22.98 1.51 26.50
CA ASP F 110 21.96 2.51 26.80
C ASP F 110 21.76 3.37 25.55
N ASP F 111 20.77 3.01 24.74
CA ASP F 111 20.52 3.74 23.50
C ASP F 111 20.16 5.20 23.70
N PRO F 112 19.18 5.57 24.53
CA PRO F 112 18.69 6.97 24.52
C PRO F 112 19.73 8.00 24.94
N LYS F 113 20.96 7.60 25.25
CA LYS F 113 22.05 8.54 25.46
C LYS F 113 23.27 8.20 24.61
N ASN F 114 23.11 7.28 23.65
CA ASN F 114 24.16 6.91 22.70
C ASN F 114 25.46 6.53 23.41
N THR F 115 25.33 5.78 24.50
CA THR F 115 26.48 5.36 25.29
C THR F 115 26.49 3.85 25.43
N LEU F 116 27.61 3.34 25.90
CA LEU F 116 27.82 1.91 26.10
C LEU F 116 28.56 1.69 27.41
N PHE F 117 28.43 0.49 27.96
CA PHE F 117 29.08 0.14 29.20
C PHE F 117 29.55 -1.30 29.18
N LEU F 118 30.61 -1.58 29.93
CA LEU F 118 31.15 -2.92 30.10
C LEU F 118 31.63 -3.05 31.54
N GLN F 119 31.27 -4.15 32.19
CA GLN F 119 31.47 -4.32 33.63
C GLN F 119 32.48 -5.44 33.90
N MET F 120 33.61 -5.07 34.49
CA MET F 120 34.64 -6.02 34.89
C MET F 120 34.50 -6.24 36.40
N THR F 121 34.69 -7.49 36.84
CA THR F 121 34.59 -7.81 38.26
C THR F 121 35.75 -8.69 38.68
N SER F 122 36.53 -8.21 39.66
CA SER F 122 37.66 -8.96 40.25
C SER F 122 38.57 -9.52 39.17
N LEU F 123 39.20 -8.61 38.43
CA LEU F 123 40.09 -9.00 37.36
C LEU F 123 41.28 -9.77 37.90
N ARG F 124 41.75 -10.77 37.16
CA ARG F 124 42.92 -11.51 37.57
C ARG F 124 44.18 -10.79 37.07
N SER F 125 45.32 -11.45 37.18
CA SER F 125 46.57 -10.89 36.65
C SER F 125 46.69 -11.06 35.15
N GLU F 126 45.88 -11.92 34.55
CA GLU F 126 45.82 -12.06 33.09
C GLU F 126 45.04 -10.93 32.44
N ASP F 127 44.35 -10.12 33.23
CA ASP F 127 43.51 -9.05 32.70
C ASP F 127 44.27 -7.76 32.47
N THR F 128 45.59 -7.84 32.31
CA THR F 128 46.41 -6.70 31.94
C THR F 128 46.46 -6.61 30.42
N ALA F 129 45.64 -5.74 29.85
CA ALA F 129 45.56 -5.57 28.40
C ALA F 129 44.86 -4.24 28.13
N MET F 130 44.79 -3.86 26.86
CA MET F 130 44.26 -2.56 26.45
C MET F 130 43.08 -2.81 25.51
N TYR F 131 41.95 -2.18 25.79
CA TYR F 131 40.66 -2.57 25.25
C TYR F 131 40.20 -1.64 24.14
N TYR F 132 39.30 -2.16 23.29
CA TYR F 132 38.78 -1.46 22.12
C TYR F 132 37.26 -1.48 22.11
N CYS F 133 36.68 -0.51 21.41
CA CYS F 133 35.25 -0.40 21.22
C CYS F 133 34.96 -0.44 19.72
N VAL F 134 33.96 -1.20 19.32
CA VAL F 134 33.67 -1.43 17.92
C VAL F 134 32.18 -1.24 17.67
N ARG F 135 31.85 -0.43 16.68
CA ARG F 135 30.53 -0.42 16.05
C ARG F 135 30.48 -1.41 14.89
N SER F 136 29.33 -2.05 14.72
CA SER F 136 29.09 -2.95 13.62
C SER F 136 27.61 -2.96 13.31
N ILE F 137 27.26 -3.24 12.05
CA ILE F 137 25.86 -3.31 11.66
C ILE F 137 25.72 -4.38 10.58
N TYR F 138 24.63 -5.12 10.63
CA TYR F 138 24.46 -6.33 9.84
C TYR F 138 23.20 -6.23 8.99
N TYR F 139 23.38 -6.05 7.69
CA TYR F 139 22.32 -6.24 6.70
C TYR F 139 23.01 -6.55 5.38
N TYR F 140 22.22 -6.83 4.34
CA TYR F 140 22.84 -7.24 3.09
C TYR F 140 23.75 -6.15 2.54
N GLY F 141 25.05 -6.43 2.49
CA GLY F 141 26.02 -5.49 1.98
C GLY F 141 26.74 -4.70 3.05
N SER F 142 26.30 -4.78 4.29
CA SER F 142 26.90 -3.99 5.35
C SER F 142 28.33 -4.44 5.63
N SER F 143 29.07 -3.60 6.35
CA SER F 143 30.47 -3.82 6.67
C SER F 143 30.63 -3.85 8.18
N PRO F 144 30.52 -5.02 8.81
CA PRO F 144 30.72 -5.09 10.26
C PRO F 144 32.16 -4.83 10.63
N PHE F 145 32.35 -4.37 11.86
CA PHE F 145 33.65 -3.95 12.38
C PHE F 145 34.27 -2.84 11.54
N ASP F 146 33.43 -2.05 10.87
CA ASP F 146 33.93 -1.03 9.97
C ASP F 146 34.75 0.03 10.70
N PHE F 147 34.26 0.48 11.85
CA PHE F 147 34.95 1.50 12.62
C PHE F 147 35.39 0.92 13.95
N TRP F 148 36.70 0.99 14.20
CA TRP F 148 37.29 0.56 15.45
C TRP F 148 37.61 1.79 16.26
N GLY F 149 37.24 1.79 17.53
CA GLY F 149 37.47 2.93 18.37
C GLY F 149 38.96 3.17 18.59
N GLN F 150 39.25 4.15 19.44
CA GLN F 150 40.62 4.54 19.72
C GLN F 150 41.29 3.66 20.77
N GLY F 151 40.55 3.21 21.77
CA GLY F 151 41.05 2.24 22.71
C GLY F 151 41.37 2.83 24.07
N THR F 152 41.40 1.97 25.08
CA THR F 152 41.77 2.35 26.43
C THR F 152 42.46 1.17 27.11
N THR F 153 43.31 1.49 28.09
CA THR F 153 44.11 0.49 28.78
C THR F 153 43.45 0.07 30.08
N LEU F 154 43.63 -1.19 30.45
CA LEU F 154 43.14 -1.74 31.72
C LEU F 154 44.20 -2.71 32.26
N THR F 155 44.95 -2.27 33.26
CA THR F 155 46.11 -3.00 33.76
C THR F 155 46.01 -3.16 35.27
N VAL F 156 45.84 -4.40 35.72
CA VAL F 156 45.92 -4.75 37.14
C VAL F 156 46.86 -5.95 37.26
N SER F 157 47.84 -5.83 38.15
CA SER F 157 48.82 -6.89 38.33
C SER F 157 48.34 -7.92 39.34
N ASP F 175 36.12 -23.96 19.17
CA ASP F 175 36.60 -22.59 19.04
C ASP F 175 37.63 -22.48 17.92
N ILE F 176 37.27 -21.72 16.89
CA ILE F 176 38.22 -21.43 15.82
C ILE F 176 39.45 -20.77 16.42
N VAL F 177 40.63 -21.25 16.02
CA VAL F 177 41.90 -20.69 16.47
C VAL F 177 42.68 -20.23 15.25
N MET F 178 43.15 -18.99 15.27
CA MET F 178 43.92 -18.42 14.18
C MET F 178 45.41 -18.55 14.47
N THR F 179 46.15 -19.07 13.50
CA THR F 179 47.58 -19.27 13.60
C THR F 179 48.27 -18.40 12.56
N GLN F 180 49.20 -17.57 13.02
CA GLN F 180 50.06 -16.76 12.15
C GLN F 180 51.50 -17.03 12.55
N ALA F 181 52.08 -18.08 11.98
CA ALA F 181 53.47 -18.40 12.27
C ALA F 181 54.42 -17.30 11.80
N THR F 182 54.00 -16.50 10.84
CA THR F 182 54.78 -15.35 10.39
C THR F 182 54.59 -14.19 11.35
N SER F 183 55.70 -13.63 11.81
CA SER F 183 55.68 -12.53 12.76
C SER F 183 56.54 -11.34 12.36
N SER F 184 57.46 -11.50 11.41
CA SER F 184 58.29 -10.39 10.96
C SER F 184 58.68 -10.64 9.51
N VAL F 185 58.57 -9.62 8.69
CA VAL F 185 58.89 -9.73 7.27
C VAL F 185 59.57 -8.45 6.79
N PRO F 186 60.74 -8.53 6.16
CA PRO F 186 61.33 -7.34 5.52
C PRO F 186 60.81 -7.16 4.10
N VAL F 187 60.64 -5.90 3.73
CA VAL F 187 60.05 -5.55 2.44
C VAL F 187 60.47 -4.13 2.10
N THR F 188 60.54 -3.83 0.80
CA THR F 188 60.91 -2.52 0.33
C THR F 188 59.71 -1.79 -0.25
N PRO F 189 59.62 -0.47 -0.10
CA PRO F 189 58.49 0.26 -0.66
C PRO F 189 58.42 0.12 -2.17
N GLY F 190 57.20 0.08 -2.70
CA GLY F 190 56.99 -0.11 -4.10
C GLY F 190 56.99 -1.55 -4.56
N GLU F 191 57.17 -2.51 -3.65
CA GLU F 191 57.23 -3.92 -3.98
C GLU F 191 55.98 -4.62 -3.46
N SER F 192 55.54 -5.63 -4.22
CA SER F 192 54.36 -6.39 -3.84
C SER F 192 54.69 -7.31 -2.67
N VAL F 193 53.85 -7.29 -1.64
CA VAL F 193 54.06 -8.08 -0.44
C VAL F 193 52.74 -8.72 -0.05
N SER F 194 52.82 -9.78 0.75
CA SER F 194 51.62 -10.47 1.22
C SER F 194 51.84 -10.95 2.64
N ILE F 195 50.74 -11.02 3.39
CA ILE F 195 50.75 -11.55 4.76
C ILE F 195 49.57 -12.50 4.91
N SER F 196 49.81 -13.65 5.56
CA SER F 196 48.85 -14.74 5.60
C SER F 196 48.40 -15.00 7.03
N CYS F 197 47.15 -15.48 7.15
CA CYS F 197 46.59 -15.94 8.41
C CYS F 197 45.89 -17.27 8.18
N ARG F 198 46.04 -18.19 9.12
CA ARG F 198 45.47 -19.52 9.04
C ARG F 198 44.46 -19.75 10.16
N SER F 199 43.47 -20.59 9.88
CA SER F 199 42.35 -20.86 10.77
C SER F 199 42.39 -22.30 11.24
N SER F 200 41.37 -22.70 12.00
CA SER F 200 41.25 -24.06 12.49
C SER F 200 40.28 -24.90 11.67
N LYS F 201 39.36 -24.28 10.95
CA LYS F 201 38.41 -25.00 10.11
C LYS F 201 37.95 -24.06 9.00
N SER F 202 36.91 -24.46 8.29
CA SER F 202 36.41 -23.67 7.17
C SER F 202 35.63 -22.46 7.67
N LEU F 203 35.53 -21.45 6.81
CA LEU F 203 34.75 -20.25 7.11
C LEU F 203 33.77 -19.87 6.02
N LEU F 204 33.85 -20.47 4.83
CA LEU F 204 32.86 -20.22 3.79
C LEU F 204 31.52 -20.80 4.23
N HIS F 205 30.60 -19.94 4.61
CA HIS F 205 29.27 -20.39 5.03
C HIS F 205 28.42 -20.66 3.79
N SER F 206 27.22 -21.19 4.02
CA SER F 206 26.38 -21.64 2.92
C SER F 206 25.91 -20.50 2.02
N ASN F 207 26.04 -19.25 2.47
CA ASN F 207 25.54 -18.10 1.72
C ASN F 207 26.66 -17.32 1.04
N GLY F 208 27.79 -17.96 0.75
CA GLY F 208 28.86 -17.35 0.00
C GLY F 208 29.82 -16.51 0.80
N ASN F 209 29.48 -16.18 2.04
CA ASN F 209 30.35 -15.33 2.85
C ASN F 209 31.64 -16.05 3.19
N THR F 210 32.57 -15.30 3.77
CA THR F 210 33.84 -15.88 4.22
C THR F 210 34.21 -15.50 5.64
N TYR F 211 33.66 -14.43 6.18
CA TYR F 211 33.73 -14.13 7.62
C TYR F 211 35.18 -14.09 8.12
N LEU F 212 36.05 -13.45 7.36
CA LEU F 212 37.38 -13.11 7.83
C LEU F 212 37.63 -11.63 7.60
N TYR F 213 38.02 -10.93 8.66
CA TYR F 213 38.24 -9.49 8.61
C TYR F 213 39.73 -9.22 8.63
N TRP F 214 40.25 -8.69 7.52
CA TRP F 214 41.63 -8.25 7.52
C TRP F 214 41.74 -6.93 8.27
N PHE F 215 42.96 -6.58 8.64
CA PHE F 215 43.17 -5.43 9.53
C PHE F 215 44.59 -4.93 9.40
N LEU F 216 44.79 -3.72 9.93
CA LEU F 216 46.12 -3.16 10.17
C LEU F 216 46.08 -2.41 11.47
N GLN F 217 47.12 -2.59 12.29
CA GLN F 217 47.32 -1.76 13.47
C GLN F 217 48.55 -0.90 13.19
N ARG F 218 48.32 0.34 12.77
CA ARG F 218 49.41 1.23 12.41
C ARG F 218 50.25 1.53 13.66
N PRO F 219 51.56 1.72 13.48
CA PRO F 219 52.49 1.63 14.61
C PRO F 219 52.21 2.57 15.77
N GLY F 220 51.21 3.44 15.65
CA GLY F 220 50.95 4.36 16.72
C GLY F 220 49.51 4.48 17.16
N GLN F 221 48.57 3.90 16.41
CA GLN F 221 47.16 4.12 16.71
C GLN F 221 46.36 2.84 16.50
N SER F 222 45.04 2.99 16.54
CA SER F 222 44.10 1.90 16.66
C SER F 222 44.00 1.10 15.36
N PRO F 223 43.44 -0.12 15.43
CA PRO F 223 43.26 -0.92 14.20
C PRO F 223 42.32 -0.24 13.21
N GLN F 224 42.17 -0.87 12.05
CA GLN F 224 41.35 -0.31 10.98
C GLN F 224 40.98 -1.43 10.03
N LEU F 225 39.89 -1.24 9.32
CA LEU F 225 39.39 -2.26 8.40
C LEU F 225 40.04 -2.03 7.05
N LEU F 226 40.73 -3.06 6.57
CA LEU F 226 41.21 -3.10 5.19
C LEU F 226 40.30 -3.92 4.30
N ILE F 227 39.82 -5.06 4.80
CA ILE F 227 38.90 -5.92 4.08
C ILE F 227 37.96 -6.57 5.09
N TYR F 228 36.66 -6.53 4.81
CA TYR F 228 35.68 -7.25 5.61
C TYR F 228 35.06 -8.35 4.77
N ARG F 229 34.93 -9.54 5.38
CA ARG F 229 34.46 -10.73 4.69
C ARG F 229 35.37 -11.12 3.53
N MET F 230 36.67 -10.91 3.72
CA MET F 230 37.75 -11.53 2.94
C MET F 230 37.90 -10.95 1.54
N SER F 231 36.95 -10.14 1.09
CA SER F 231 37.07 -9.59 -0.27
C SER F 231 36.66 -8.13 -0.41
N ASN F 232 36.06 -7.50 0.59
CA ASN F 232 35.50 -6.17 0.42
C ASN F 232 36.51 -5.10 0.85
N LEU F 233 36.08 -3.84 0.84
CA LEU F 233 36.95 -2.72 1.14
C LEU F 233 36.18 -1.73 1.99
N ALA F 234 36.90 -1.02 2.87
CA ALA F 234 36.27 -0.08 3.78
C ALA F 234 36.03 1.25 3.07
N SER F 235 35.66 2.28 3.83
CA SER F 235 35.29 3.55 3.22
C SER F 235 36.52 4.38 2.85
N GLY F 236 37.32 4.76 3.84
CA GLY F 236 38.48 5.59 3.60
C GLY F 236 39.74 4.80 3.40
N VAL F 237 39.71 3.84 2.46
CA VAL F 237 40.82 2.92 2.26
C VAL F 237 41.18 2.88 0.77
N PRO F 238 42.46 2.93 0.43
CA PRO F 238 42.85 2.94 -0.99
C PRO F 238 42.52 1.62 -1.69
N ASP F 239 42.70 1.62 -3.01
CA ASP F 239 42.37 0.48 -3.84
C ASP F 239 43.53 -0.50 -4.01
N ARG F 240 44.69 -0.20 -3.45
CA ARG F 240 45.82 -1.12 -3.51
C ARG F 240 45.51 -2.43 -2.80
N PHE F 241 44.86 -2.34 -1.65
CA PHE F 241 44.65 -3.49 -0.79
C PHE F 241 43.76 -4.52 -1.46
N SER F 242 43.98 -5.78 -1.12
CA SER F 242 43.21 -6.90 -1.64
C SER F 242 43.59 -8.15 -0.86
N GLY F 243 42.66 -9.11 -0.82
CA GLY F 243 42.88 -10.33 -0.07
C GLY F 243 42.12 -11.48 -0.68
N SER F 244 42.41 -12.68 -0.17
CA SER F 244 41.80 -13.89 -0.70
C SER F 244 41.83 -14.97 0.38
N GLY F 245 41.01 -16.00 0.18
CA GLY F 245 40.95 -17.11 1.09
C GLY F 245 40.98 -18.43 0.34
N SER F 246 41.64 -19.41 0.97
CA SER F 246 41.81 -20.72 0.36
C SER F 246 40.80 -21.75 0.85
N GLY F 247 40.20 -21.53 2.01
CA GLY F 247 39.27 -22.48 2.59
C GLY F 247 39.55 -22.65 4.06
N THR F 248 40.84 -22.64 4.41
CA THR F 248 41.28 -22.57 5.79
C THR F 248 42.39 -21.55 6.01
N ALA F 249 43.15 -21.22 4.97
CA ALA F 249 44.25 -20.26 5.06
C ALA F 249 43.94 -19.07 4.17
N PHE F 250 44.44 -17.91 4.57
CA PHE F 250 44.12 -16.66 3.91
C PHE F 250 45.41 -15.90 3.60
N THR F 251 45.27 -14.76 2.91
CA THR F 251 46.40 -13.90 2.63
C THR F 251 45.89 -12.51 2.28
N LEU F 252 46.67 -11.50 2.66
CA LEU F 252 46.39 -10.10 2.36
C LEU F 252 47.45 -9.58 1.40
N THR F 253 47.01 -8.94 0.31
CA THR F 253 47.92 -8.46 -0.72
C THR F 253 47.85 -6.95 -0.83
N ILE F 254 49.02 -6.32 -0.82
CA ILE F 254 49.17 -4.89 -1.08
C ILE F 254 49.93 -4.75 -2.39
N SER F 255 49.30 -4.13 -3.39
CA SER F 255 49.89 -4.08 -4.72
C SER F 255 51.16 -3.23 -4.73
N ARG F 256 51.14 -2.08 -4.05
CA ARG F 256 52.26 -1.14 -4.08
C ARG F 256 52.38 -0.50 -2.70
N LEU F 257 53.38 -0.93 -1.94
CA LEU F 257 53.55 -0.44 -0.58
C LEU F 257 53.91 1.04 -0.57
N GLU F 258 53.55 1.71 0.53
CA GLU F 258 54.00 3.08 0.77
C GLU F 258 54.29 3.23 2.25
N ALA F 259 54.56 4.47 2.66
CA ALA F 259 54.98 4.73 4.03
C ALA F 259 53.88 4.37 5.02
N GLU F 260 52.63 4.65 4.70
CA GLU F 260 51.53 4.43 5.64
C GLU F 260 51.02 3.00 5.65
N ASP F 261 51.78 2.04 5.13
CA ASP F 261 51.40 0.63 5.23
C ASP F 261 52.46 -0.17 5.98
N VAL F 262 52.88 0.35 7.13
CA VAL F 262 53.78 -0.36 8.02
C VAL F 262 53.02 -0.71 9.29
N GLY F 263 53.41 -1.80 9.94
CA GLY F 263 52.77 -2.19 11.18
C GLY F 263 52.45 -3.66 11.28
N VAL F 264 51.34 -3.99 11.95
CA VAL F 264 50.95 -5.37 12.22
C VAL F 264 49.58 -5.60 11.61
N TYR F 265 49.43 -6.70 10.88
CA TYR F 265 48.18 -7.06 10.24
C TYR F 265 47.52 -8.18 11.05
N TYR F 266 46.22 -8.09 11.22
CA TYR F 266 45.47 -9.02 12.05
C TYR F 266 44.41 -9.72 11.23
N CYS F 267 43.84 -10.77 11.81
CA CYS F 267 42.79 -11.54 11.17
C CYS F 267 41.72 -11.91 12.21
N MET F 268 40.47 -11.66 11.86
CA MET F 268 39.31 -11.99 12.68
C MET F 268 38.39 -12.91 11.91
N GLN F 269 37.88 -13.95 12.56
CA GLN F 269 36.74 -14.67 12.02
C GLN F 269 35.49 -14.29 12.79
N HIS F 270 34.34 -14.61 12.22
CA HIS F 270 33.08 -14.26 12.85
C HIS F 270 32.04 -15.35 12.59
N LEU F 271 32.45 -16.49 12.00
CA LEU F 271 31.50 -17.53 11.60
C LEU F 271 30.84 -18.19 12.79
N GLU F 272 31.62 -18.53 13.81
CA GLU F 272 31.06 -19.13 15.00
C GLU F 272 31.79 -18.58 16.21
N TYR F 273 31.05 -18.29 17.26
CA TYR F 273 31.62 -17.67 18.43
C TYR F 273 32.38 -18.71 19.24
N PRO F 274 33.44 -18.30 19.97
CA PRO F 274 33.97 -16.95 20.12
C PRO F 274 34.83 -16.45 18.96
N LEU F 275 34.99 -15.12 18.91
CA LEU F 275 35.85 -14.50 17.91
C LEU F 275 37.32 -14.65 18.30
N THR F 276 38.16 -14.97 17.32
CA THR F 276 39.57 -15.24 17.57
C THR F 276 40.45 -14.50 16.57
N PHE F 277 41.57 -13.99 17.06
CA PHE F 277 42.58 -13.32 16.25
C PHE F 277 43.80 -14.19 16.03
N GLY F 278 44.66 -13.73 15.12
CA GLY F 278 45.93 -14.37 14.87
C GLY F 278 47.03 -13.79 15.73
N ALA F 279 48.26 -14.24 15.46
CA ALA F 279 49.39 -13.82 16.27
C ALA F 279 49.75 -12.37 16.00
N GLY F 280 49.81 -11.97 14.73
CA GLY F 280 50.21 -10.62 14.39
C GLY F 280 51.54 -10.61 13.65
N THR F 281 51.52 -10.17 12.39
CA THR F 281 52.71 -10.17 11.54
C THR F 281 53.18 -8.72 11.39
N LYS F 282 54.26 -8.39 12.10
CA LYS F 282 54.86 -7.06 11.98
C LYS F 282 55.65 -6.94 10.70
N LEU F 283 55.52 -5.81 10.03
CA LEU F 283 56.27 -5.50 8.82
C LEU F 283 57.34 -4.48 9.12
N GLU F 284 58.57 -4.77 8.71
CA GLU F 284 59.68 -3.83 8.79
C GLU F 284 60.14 -3.46 7.40
N LEU F 285 60.23 -2.16 7.14
CA LEU F 285 60.61 -1.68 5.82
C LEU F 285 62.13 -1.65 5.64
#